data_3I53
#
_entry.id   3I53
#
_cell.length_a   91.253
_cell.length_b   161.568
_cell.length_c   98.944
_cell.angle_alpha   90.00
_cell.angle_beta   90.00
_cell.angle_gamma   90.00
#
_symmetry.space_group_name_H-M   'C 2 2 21'
#
loop_
_entity.id
_entity.type
_entity.pdbx_description
1 polymer O-methyltransferase
2 non-polymer S-ADENOSYL-L-HOMOCYSTEINE
3 non-polymer GLYCEROL
4 water water
#
_entity_poly.entity_id   1
_entity_poly.type   'polypeptide(L)'
_entity_poly.pdbx_seq_one_letter_code
;MGKRAAHIGLRALADLATPMAVRVAATLRVADHIAAGHRTAAEIASAAGAHADSLDRLLRHLVAVGLFTRDGQGVYGLTE
FGEQLRDDHAAGKRKWLDMNSAVGRGDLGFVELAHSIRTGQPAYPVRYGTSFWEDLGSDPVLSASFDTLMSHHLELDYTG
IAAKYDWAALGHVVDVGGGSGGLLSALLTAHEDLSGTVLDLQGPASAAHRRFLDTGLSGRAQVVVGSFFDPLPAGAGGYV
LSAVLHDWDDLSAVAILRRCAEAAGSGGVVLVIEAVAGDEHAGTGMDLRMLTYFGGKERSLAELGELAAQAGLAVRAAHP
ISYVSIVEMTAL
;
_entity_poly.pdbx_strand_id   A,B
#
loop_
_chem_comp.id
_chem_comp.type
_chem_comp.name
_chem_comp.formula
GOL non-polymer GLYCEROL 'C3 H8 O3'
#
# COMPACT_ATOMS: atom_id res chain seq x y z
N ALA A 5 -19.12 1.20 8.80
CA ALA A 5 -17.96 0.78 7.98
C ALA A 5 -17.54 -0.64 8.36
N ALA A 6 -18.24 -1.21 9.33
CA ALA A 6 -17.96 -2.55 9.81
C ALA A 6 -18.64 -3.59 8.91
N HIS A 7 -19.46 -3.11 7.99
CA HIS A 7 -20.19 -3.96 7.06
C HIS A 7 -19.37 -4.34 5.81
N ILE A 8 -18.04 -4.39 5.95
CA ILE A 8 -17.20 -4.75 4.82
C ILE A 8 -16.53 -6.10 4.97
N GLY A 9 -15.89 -6.31 6.12
CA GLY A 9 -15.19 -7.55 6.36
C GLY A 9 -13.73 -7.25 6.61
N LEU A 10 -13.18 -7.83 7.68
CA LEU A 10 -11.79 -7.60 8.04
C LEU A 10 -10.83 -7.62 6.85
N ARG A 11 -10.76 -8.75 6.16
CA ARG A 11 -9.89 -8.92 5.01
C ARG A 11 -10.07 -7.86 3.92
N ALA A 12 -11.31 -7.60 3.55
CA ALA A 12 -11.61 -6.63 2.52
C ALA A 12 -11.15 -5.23 2.92
N LEU A 13 -11.22 -4.97 4.22
CA LEU A 13 -10.84 -3.68 4.77
C LEU A 13 -9.32 -3.55 4.74
N ALA A 14 -8.63 -4.68 4.70
CA ALA A 14 -7.18 -4.68 4.69
C ALA A 14 -6.63 -4.90 3.28
N ASP A 15 -7.53 -5.05 2.30
CA ASP A 15 -7.09 -5.29 0.95
C ASP A 15 -6.16 -4.21 0.40
N LEU A 16 -5.09 -4.67 -0.25
CA LEU A 16 -4.09 -3.79 -0.86
C LEU A 16 -4.14 -3.93 -2.38
N ALA A 17 -4.65 -5.07 -2.86
CA ALA A 17 -4.73 -5.35 -4.28
C ALA A 17 -5.48 -4.28 -5.08
N THR A 18 -6.72 -3.98 -4.67
CA THR A 18 -7.54 -2.97 -5.36
C THR A 18 -6.95 -1.54 -5.30
N PRO A 19 -6.54 -1.07 -4.12
CA PRO A 19 -5.98 0.29 -4.05
C PRO A 19 -4.76 0.45 -4.95
N MET A 20 -3.89 -0.55 -4.96
CA MET A 20 -2.69 -0.47 -5.80
C MET A 20 -3.04 -0.64 -7.27
N ALA A 21 -4.05 -1.47 -7.56
CA ALA A 21 -4.46 -1.67 -8.96
C ALA A 21 -4.93 -0.35 -9.53
N VAL A 22 -5.74 0.36 -8.74
CA VAL A 22 -6.25 1.65 -9.15
C VAL A 22 -5.09 2.64 -9.36
N ARG A 23 -4.15 2.65 -8.43
CA ARG A 23 -2.99 3.54 -8.52
C ARG A 23 -2.10 3.21 -9.71
N VAL A 24 -1.97 1.93 -10.04
CA VAL A 24 -1.15 1.57 -11.19
C VAL A 24 -1.85 2.03 -12.47
N ALA A 25 -3.14 1.76 -12.58
CA ALA A 25 -3.89 2.19 -13.77
C ALA A 25 -3.84 3.71 -13.91
N ALA A 26 -4.00 4.42 -12.79
CA ALA A 26 -3.96 5.87 -12.84
C ALA A 26 -2.59 6.30 -13.38
N THR A 27 -1.54 5.67 -12.85
CA THR A 27 -0.17 5.99 -13.26
C THR A 27 0.11 5.68 -14.71
N LEU A 28 -0.39 4.54 -15.18
CA LEU A 28 -0.17 4.12 -16.55
C LEU A 28 -1.11 4.81 -17.53
N ARG A 29 -1.98 5.68 -17.00
CA ARG A 29 -2.94 6.42 -17.80
C ARG A 29 -3.81 5.53 -18.71
N VAL A 30 -4.17 4.36 -18.19
CA VAL A 30 -4.98 3.39 -18.92
C VAL A 30 -6.30 3.94 -19.49
N ALA A 31 -7.01 4.72 -18.68
CA ALA A 31 -8.28 5.29 -19.10
C ALA A 31 -8.15 6.21 -20.31
N ASP A 32 -7.03 6.95 -20.35
CA ASP A 32 -6.81 7.86 -21.46
C ASP A 32 -6.45 7.11 -22.71
N HIS A 33 -5.80 5.96 -22.56
CA HIS A 33 -5.42 5.16 -23.71
C HIS A 33 -6.62 4.51 -24.37
N ILE A 34 -7.52 3.95 -23.58
CA ILE A 34 -8.69 3.31 -24.16
C ILE A 34 -9.63 4.35 -24.77
N ALA A 35 -9.66 5.54 -24.19
CA ALA A 35 -10.50 6.63 -24.70
C ALA A 35 -9.90 7.14 -26.01
N ALA A 36 -8.61 6.91 -26.20
CA ALA A 36 -7.92 7.35 -27.40
C ALA A 36 -8.03 6.29 -28.49
N GLY A 37 -8.57 5.12 -28.16
CA GLY A 37 -8.72 4.10 -29.18
C GLY A 37 -7.96 2.83 -28.88
N HIS A 38 -7.01 2.88 -27.96
CA HIS A 38 -6.25 1.71 -27.59
C HIS A 38 -7.19 0.95 -26.66
N ARG A 39 -7.84 -0.08 -27.19
CA ARG A 39 -8.82 -0.81 -26.41
C ARG A 39 -8.47 -2.21 -25.95
N THR A 40 -7.64 -2.93 -26.69
CA THR A 40 -7.28 -4.28 -26.26
C THR A 40 -6.11 -4.21 -25.28
N ALA A 41 -5.92 -5.27 -24.50
CA ALA A 41 -4.83 -5.32 -23.55
C ALA A 41 -3.51 -5.04 -24.27
N ALA A 42 -3.35 -5.67 -25.44
CA ALA A 42 -2.14 -5.50 -26.24
C ALA A 42 -1.95 -4.05 -26.70
N GLU A 43 -3.01 -3.40 -27.15
CA GLU A 43 -2.92 -2.02 -27.60
C GLU A 43 -2.61 -1.07 -26.46
N ILE A 44 -3.23 -1.30 -25.32
CA ILE A 44 -3.01 -0.46 -24.15
C ILE A 44 -1.61 -0.66 -23.60
N ALA A 45 -1.14 -1.90 -23.64
CA ALA A 45 0.19 -2.25 -23.14
C ALA A 45 1.29 -1.59 -23.95
N SER A 46 1.20 -1.69 -25.27
CA SER A 46 2.21 -1.08 -26.12
C SER A 46 2.16 0.43 -25.97
N ALA A 47 0.97 0.95 -25.71
CA ALA A 47 0.77 2.40 -25.54
C ALA A 47 1.30 2.93 -24.22
N ALA A 48 1.13 2.14 -23.15
CA ALA A 48 1.55 2.54 -21.82
C ALA A 48 2.91 2.00 -21.41
N GLY A 49 3.48 1.13 -22.22
CA GLY A 49 4.77 0.56 -21.89
C GLY A 49 4.67 -0.54 -20.85
N ALA A 50 3.71 -1.45 -21.04
CA ALA A 50 3.51 -2.55 -20.11
C ALA A 50 3.63 -3.92 -20.74
N HIS A 51 3.44 -4.93 -19.90
CA HIS A 51 3.49 -6.34 -20.28
C HIS A 51 2.03 -6.75 -20.47
N ALA A 52 1.63 -6.97 -21.72
CA ALA A 52 0.25 -7.32 -22.06
C ALA A 52 -0.45 -8.32 -21.15
N ASP A 53 0.16 -9.48 -20.92
CA ASP A 53 -0.46 -10.48 -20.07
C ASP A 53 -0.72 -9.98 -18.66
N SER A 54 0.24 -9.27 -18.08
CA SER A 54 0.09 -8.74 -16.73
C SER A 54 -0.91 -7.60 -16.68
N LEU A 55 -0.87 -6.74 -17.69
CA LEU A 55 -1.80 -5.64 -17.73
C LEU A 55 -3.24 -6.15 -17.80
N ASP A 56 -3.44 -7.21 -18.59
CA ASP A 56 -4.76 -7.80 -18.77
C ASP A 56 -5.32 -8.26 -17.42
N ARG A 57 -4.46 -8.83 -16.59
CA ARG A 57 -4.88 -9.28 -15.28
C ARG A 57 -5.32 -8.09 -14.44
N LEU A 58 -4.59 -6.98 -14.53
CA LEU A 58 -4.96 -5.82 -13.76
C LEU A 58 -6.27 -5.23 -14.27
N LEU A 59 -6.49 -5.30 -15.58
CA LEU A 59 -7.72 -4.76 -16.16
C LEU A 59 -8.92 -5.61 -15.74
N ARG A 60 -8.75 -6.93 -15.74
CA ARG A 60 -9.83 -7.81 -15.31
C ARG A 60 -10.25 -7.44 -13.89
N HIS A 61 -9.26 -7.23 -13.03
CA HIS A 61 -9.55 -6.85 -11.65
C HIS A 61 -10.29 -5.53 -11.61
N LEU A 62 -9.88 -4.56 -12.42
CA LEU A 62 -10.56 -3.26 -12.40
C LEU A 62 -11.94 -3.33 -13.02
N VAL A 63 -12.17 -4.33 -13.88
CA VAL A 63 -13.48 -4.50 -14.48
C VAL A 63 -14.36 -5.00 -13.34
N ALA A 64 -13.84 -5.93 -12.55
CA ALA A 64 -14.59 -6.49 -11.43
C ALA A 64 -14.95 -5.38 -10.45
N VAL A 65 -14.09 -4.36 -10.36
CA VAL A 65 -14.34 -3.25 -9.46
C VAL A 65 -15.34 -2.27 -10.07
N GLY A 66 -15.59 -2.42 -11.37
CA GLY A 66 -16.55 -1.55 -12.04
C GLY A 66 -16.02 -0.30 -12.72
N LEU A 67 -14.71 -0.19 -12.91
CA LEU A 67 -14.14 0.99 -13.56
C LEU A 67 -14.13 0.82 -15.08
N PHE A 68 -13.96 -0.42 -15.53
CA PHE A 68 -13.92 -0.72 -16.96
C PHE A 68 -14.91 -1.79 -17.35
N THR A 69 -15.08 -1.94 -18.67
CA THR A 69 -15.95 -2.95 -19.24
C THR A 69 -15.04 -3.78 -20.15
N ARG A 70 -15.45 -5.01 -20.42
CA ARG A 70 -14.69 -5.90 -21.28
C ARG A 70 -15.67 -6.81 -22.02
N ASP A 71 -15.74 -6.66 -23.34
CA ASP A 71 -16.64 -7.48 -24.11
C ASP A 71 -16.05 -8.84 -24.40
N GLY A 72 -16.82 -9.70 -25.05
CA GLY A 72 -16.36 -11.03 -25.35
C GLY A 72 -15.14 -11.13 -26.24
N GLN A 73 -14.77 -10.04 -26.91
CA GLN A 73 -13.61 -10.06 -27.79
C GLN A 73 -12.34 -9.50 -27.13
N GLY A 74 -12.44 -9.16 -25.86
CA GLY A 74 -11.30 -8.62 -25.14
C GLY A 74 -11.10 -7.12 -25.32
N VAL A 75 -12.12 -6.45 -25.84
CA VAL A 75 -12.09 -5.01 -26.05
C VAL A 75 -12.59 -4.31 -24.79
N TYR A 76 -11.77 -3.43 -24.23
CA TYR A 76 -12.12 -2.72 -23.00
C TYR A 76 -12.73 -1.35 -23.21
N GLY A 77 -13.52 -0.92 -22.23
CA GLY A 77 -14.17 0.37 -22.30
C GLY A 77 -14.30 1.00 -20.92
N LEU A 78 -14.60 2.29 -20.90
CA LEU A 78 -14.77 3.02 -19.64
C LEU A 78 -16.22 3.10 -19.19
N THR A 79 -16.44 2.92 -17.89
CA THR A 79 -17.79 3.06 -17.35
C THR A 79 -17.81 4.51 -16.88
N GLU A 80 -18.97 5.02 -16.50
CA GLU A 80 -19.01 6.41 -16.04
C GLU A 80 -18.15 6.55 -14.80
N PHE A 81 -17.96 5.44 -14.10
CA PHE A 81 -17.14 5.46 -12.89
C PHE A 81 -15.67 5.53 -13.32
N GLY A 82 -15.32 4.79 -14.36
CA GLY A 82 -13.95 4.78 -14.85
C GLY A 82 -13.49 6.08 -15.51
N GLU A 83 -14.44 6.89 -15.97
CA GLU A 83 -14.13 8.17 -16.62
C GLU A 83 -13.37 9.07 -15.67
N GLN A 84 -13.51 8.80 -14.37
CA GLN A 84 -12.82 9.58 -13.34
C GLN A 84 -11.30 9.40 -13.40
N LEU A 85 -10.85 8.33 -14.05
CA LEU A 85 -9.42 8.08 -14.16
C LEU A 85 -8.78 8.95 -15.24
N ARG A 86 -9.59 9.49 -16.15
CA ARG A 86 -9.06 10.33 -17.21
C ARG A 86 -8.43 11.59 -16.64
N ASP A 87 -7.25 11.93 -17.15
CA ASP A 87 -6.51 13.08 -16.68
C ASP A 87 -7.22 14.39 -16.92
N ASP A 88 -8.18 14.37 -17.84
CA ASP A 88 -8.94 15.56 -18.20
C ASP A 88 -10.26 15.66 -17.42
N HIS A 89 -10.58 14.63 -16.63
CA HIS A 89 -11.81 14.65 -15.86
C HIS A 89 -11.86 15.88 -14.97
N ALA A 90 -13.03 16.50 -14.89
CA ALA A 90 -13.22 17.70 -14.09
C ALA A 90 -12.93 17.57 -12.60
N ALA A 91 -13.03 16.36 -12.05
CA ALA A 91 -12.76 16.18 -10.63
C ALA A 91 -11.27 16.16 -10.31
N GLY A 92 -10.46 16.01 -11.36
CA GLY A 92 -9.02 15.98 -11.21
C GLY A 92 -8.51 14.98 -10.18
N LYS A 93 -8.98 13.75 -10.25
CA LYS A 93 -8.58 12.71 -9.32
C LYS A 93 -7.38 11.88 -9.75
N ARG A 94 -7.21 11.68 -11.05
CA ARG A 94 -6.10 10.86 -11.54
C ARG A 94 -4.76 11.36 -10.99
N LYS A 95 -4.63 12.67 -10.87
CA LYS A 95 -3.42 13.31 -10.38
C LYS A 95 -3.02 12.88 -8.96
N TRP A 96 -4.00 12.79 -8.07
CA TRP A 96 -3.72 12.39 -6.69
C TRP A 96 -3.28 10.93 -6.57
N LEU A 97 -3.59 10.12 -7.58
CA LEU A 97 -3.25 8.71 -7.57
C LEU A 97 -2.00 8.32 -8.34
N ASP A 98 -1.62 9.15 -9.31
CA ASP A 98 -0.44 8.88 -10.11
C ASP A 98 0.78 8.78 -9.20
N MET A 99 1.48 7.65 -9.25
CA MET A 99 2.67 7.43 -8.43
C MET A 99 3.80 8.42 -8.73
N ASN A 100 3.67 9.19 -9.80
CA ASN A 100 4.67 10.17 -10.14
C ASN A 100 4.31 11.52 -9.51
N SER A 101 3.08 11.67 -9.03
CA SER A 101 2.67 12.92 -8.40
C SER A 101 3.20 12.92 -6.97
N ALA A 102 3.34 14.11 -6.39
CA ALA A 102 3.87 14.22 -5.04
C ALA A 102 3.14 13.32 -4.04
N VAL A 103 1.81 13.45 -4.00
CA VAL A 103 0.97 12.68 -3.09
C VAL A 103 0.85 11.22 -3.51
N GLY A 104 0.81 11.00 -4.82
CA GLY A 104 0.71 9.64 -5.32
C GLY A 104 1.96 8.88 -4.91
N ARG A 105 3.09 9.58 -4.98
CA ARG A 105 4.37 8.98 -4.60
C ARG A 105 4.38 8.81 -3.06
N GLY A 106 3.98 9.86 -2.36
CA GLY A 106 3.98 9.83 -0.89
C GLY A 106 3.08 8.81 -0.22
N ASP A 107 1.88 8.59 -0.76
CA ASP A 107 0.97 7.63 -0.16
C ASP A 107 1.51 6.20 -0.15
N LEU A 108 2.47 5.89 -1.01
CA LEU A 108 3.01 4.54 -1.01
C LEU A 108 3.80 4.32 0.29
N GLY A 109 4.17 5.43 0.93
CA GLY A 109 4.89 5.37 2.19
C GLY A 109 4.08 4.69 3.28
N PHE A 110 2.77 4.63 3.10
CA PHE A 110 1.92 3.96 4.07
C PHE A 110 2.35 2.50 4.20
N VAL A 111 3.03 1.97 3.19
CA VAL A 111 3.47 0.59 3.30
C VAL A 111 4.43 0.42 4.49
N GLU A 112 5.08 1.52 4.89
CA GLU A 112 6.04 1.45 6.01
C GLU A 112 5.46 2.01 7.31
N LEU A 113 4.13 2.05 7.41
CA LEU A 113 3.43 2.58 8.59
C LEU A 113 3.86 1.96 9.92
N ALA A 114 4.26 0.70 9.90
CA ALA A 114 4.67 0.04 11.14
C ALA A 114 5.85 0.76 11.77
N HIS A 115 6.70 1.35 10.93
CA HIS A 115 7.84 2.06 11.46
C HIS A 115 7.41 3.30 12.23
N SER A 116 6.45 4.03 11.66
CA SER A 116 5.94 5.24 12.30
C SER A 116 5.21 4.90 13.59
N ILE A 117 4.51 3.77 13.61
CA ILE A 117 3.79 3.40 14.82
C ILE A 117 4.76 2.99 15.93
N ARG A 118 5.88 2.36 15.55
CA ARG A 118 6.86 1.94 16.52
C ARG A 118 7.83 3.05 16.94
N THR A 119 8.02 4.05 16.10
CA THR A 119 8.97 5.11 16.43
C THR A 119 8.44 6.55 16.47
N GLY A 120 7.27 6.79 15.89
CA GLY A 120 6.74 8.14 15.86
C GLY A 120 7.42 8.96 14.77
N GLN A 121 8.34 8.33 14.05
CA GLN A 121 9.07 9.00 12.97
C GLN A 121 8.36 8.76 11.63
N PRO A 122 8.61 9.64 10.63
CA PRO A 122 7.99 9.53 9.30
C PRO A 122 8.33 8.24 8.57
N ALA A 123 7.36 7.74 7.81
CA ALA A 123 7.55 6.50 7.06
C ALA A 123 8.09 6.75 5.66
N TYR A 124 7.81 7.93 5.13
CA TYR A 124 8.26 8.29 3.79
C TYR A 124 9.75 8.02 3.54
N PRO A 125 10.64 8.35 4.51
CA PRO A 125 12.10 8.13 4.38
C PRO A 125 12.50 6.64 4.34
N VAL A 126 11.71 5.81 5.03
CA VAL A 126 11.97 4.39 5.06
C VAL A 126 11.77 3.81 3.66
N ARG A 127 10.90 4.43 2.88
CA ARG A 127 10.65 3.95 1.53
C ARG A 127 11.56 4.59 0.48
N TYR A 128 11.75 5.89 0.56
CA TYR A 128 12.55 6.59 -0.44
C TYR A 128 13.97 7.02 -0.07
N GLY A 129 14.39 6.79 1.17
CA GLY A 129 15.74 7.16 1.56
C GLY A 129 16.02 8.64 1.81
N THR A 130 14.97 9.45 1.84
CA THR A 130 15.14 10.87 2.10
C THR A 130 13.80 11.47 2.51
N SER A 131 13.83 12.72 2.99
CA SER A 131 12.63 13.39 3.43
C SER A 131 11.80 13.85 2.24
N PHE A 132 10.50 14.03 2.46
CA PHE A 132 9.57 14.49 1.43
C PHE A 132 10.02 15.83 0.84
N TRP A 133 10.30 16.80 1.71
CA TRP A 133 10.75 18.12 1.26
C TRP A 133 12.07 18.05 0.46
N GLU A 134 13.00 17.21 0.91
CA GLU A 134 14.28 17.08 0.22
C GLU A 134 14.01 16.56 -1.19
N ASP A 135 13.09 15.58 -1.30
CA ASP A 135 12.73 15.02 -2.59
C ASP A 135 12.13 16.07 -3.51
N LEU A 136 11.20 16.86 -2.97
CA LEU A 136 10.56 17.89 -3.78
C LEU A 136 11.57 18.97 -4.14
N GLY A 137 12.53 19.21 -3.25
CA GLY A 137 13.54 20.21 -3.51
C GLY A 137 14.45 19.81 -4.66
N SER A 138 14.68 18.51 -4.81
CA SER A 138 15.55 17.99 -5.87
C SER A 138 14.85 17.76 -7.21
N ASP A 139 13.53 17.59 -7.18
CA ASP A 139 12.80 17.32 -8.41
C ASP A 139 11.67 18.30 -8.68
N PRO A 140 11.84 19.14 -9.72
CA PRO A 140 10.82 20.12 -10.08
C PRO A 140 9.49 19.48 -10.49
N VAL A 141 9.54 18.24 -10.95
CA VAL A 141 8.33 17.51 -11.34
C VAL A 141 7.50 17.30 -10.08
N LEU A 142 8.14 16.78 -9.03
CA LEU A 142 7.48 16.55 -7.75
C LEU A 142 7.06 17.85 -7.08
N SER A 143 7.93 18.85 -7.12
CA SER A 143 7.63 20.13 -6.50
C SER A 143 6.43 20.79 -7.18
N ALA A 144 6.46 20.80 -8.51
CA ALA A 144 5.40 21.40 -9.30
C ALA A 144 4.11 20.61 -9.12
N SER A 145 4.27 19.31 -8.93
CA SER A 145 3.13 18.43 -8.73
C SER A 145 2.47 18.81 -7.38
N PHE A 146 3.27 18.85 -6.32
CA PHE A 146 2.76 19.19 -5.01
C PHE A 146 2.09 20.57 -5.04
N ASP A 147 2.69 21.53 -5.73
CA ASP A 147 2.13 22.88 -5.81
C ASP A 147 0.74 22.84 -6.45
N THR A 148 0.62 22.11 -7.56
CA THR A 148 -0.66 21.98 -8.23
C THR A 148 -1.69 21.37 -7.27
N LEU A 149 -1.27 20.35 -6.53
CA LEU A 149 -2.15 19.69 -5.58
C LEU A 149 -2.60 20.67 -4.51
N MET A 150 -1.69 21.53 -4.06
CA MET A 150 -2.04 22.52 -3.05
C MET A 150 -3.03 23.53 -3.61
N SER A 151 -2.80 23.97 -4.83
CA SER A 151 -3.70 24.93 -5.46
C SER A 151 -5.13 24.40 -5.42
N HIS A 152 -5.26 23.08 -5.56
CA HIS A 152 -6.56 22.44 -5.53
C HIS A 152 -7.14 22.53 -4.12
N HIS A 153 -6.26 22.42 -3.13
CA HIS A 153 -6.65 22.51 -1.74
C HIS A 153 -7.10 23.94 -1.43
N LEU A 154 -6.39 24.92 -1.99
CA LEU A 154 -6.73 26.32 -1.79
C LEU A 154 -8.12 26.64 -2.32
N GLU A 155 -8.44 26.09 -3.50
CA GLU A 155 -9.75 26.32 -4.11
C GLU A 155 -10.89 25.81 -3.24
N LEU A 156 -10.77 24.57 -2.79
CA LEU A 156 -11.79 23.95 -1.96
C LEU A 156 -12.09 24.66 -0.63
N ASP A 157 -11.05 24.96 0.14
CA ASP A 157 -11.26 25.58 1.46
C ASP A 157 -10.90 27.04 1.62
N TYR A 158 -10.48 27.73 0.55
CA TYR A 158 -10.10 29.13 0.68
C TYR A 158 -10.88 30.15 -0.12
N THR A 159 -11.81 29.69 -0.97
CA THR A 159 -12.60 30.64 -1.76
C THR A 159 -13.24 31.66 -0.83
N GLY A 160 -13.09 32.94 -1.17
CA GLY A 160 -13.68 34.00 -0.36
C GLY A 160 -12.98 34.22 0.97
N ILE A 161 -11.77 33.68 1.10
CA ILE A 161 -10.99 33.83 2.32
C ILE A 161 -10.74 35.31 2.62
N ALA A 162 -10.65 36.14 1.59
CA ALA A 162 -10.38 37.56 1.80
C ALA A 162 -11.47 38.27 2.61
N ALA A 163 -12.65 37.68 2.64
CA ALA A 163 -13.78 38.28 3.36
C ALA A 163 -13.99 37.69 4.75
N LYS A 164 -13.25 36.64 5.08
CA LYS A 164 -13.43 36.01 6.38
C LYS A 164 -12.52 36.50 7.51
N TYR A 165 -11.71 37.50 7.21
CA TYR A 165 -10.81 38.05 8.19
C TYR A 165 -10.46 39.47 7.77
N ASP A 166 -10.15 40.34 8.73
CA ASP A 166 -9.81 41.72 8.38
C ASP A 166 -8.37 41.83 7.91
N TRP A 167 -8.10 41.31 6.71
CA TRP A 167 -6.76 41.34 6.17
C TRP A 167 -6.22 42.75 5.95
N ALA A 168 -7.09 43.67 5.57
CA ALA A 168 -6.69 45.04 5.29
C ALA A 168 -5.96 45.68 6.46
N ALA A 169 -6.48 45.47 7.67
CA ALA A 169 -5.87 46.06 8.85
C ALA A 169 -4.40 45.67 9.04
N LEU A 170 -3.98 44.58 8.42
CA LEU A 170 -2.61 44.12 8.59
C LEU A 170 -1.55 45.00 7.93
N GLY A 171 -1.88 45.64 6.81
CA GLY A 171 -0.91 46.50 6.15
C GLY A 171 0.12 45.69 5.39
N HIS A 172 0.77 44.76 6.08
CA HIS A 172 1.75 43.88 5.45
C HIS A 172 1.59 42.50 6.06
N VAL A 173 1.47 41.50 5.21
CA VAL A 173 1.30 40.15 5.69
C VAL A 173 2.39 39.21 5.13
N VAL A 174 3.01 38.43 6.02
CA VAL A 174 4.04 37.49 5.62
C VAL A 174 3.43 36.09 5.66
N ASP A 175 3.42 35.43 4.51
CA ASP A 175 2.90 34.08 4.42
C ASP A 175 4.09 33.12 4.62
N VAL A 176 4.22 32.59 5.84
CA VAL A 176 5.29 31.70 6.23
C VAL A 176 5.03 30.28 5.72
N GLY A 177 5.84 29.86 4.75
CA GLY A 177 5.64 28.55 4.13
C GLY A 177 4.51 28.78 3.16
N GLY A 178 4.52 29.96 2.53
CA GLY A 178 3.46 30.32 1.60
C GLY A 178 3.37 29.66 0.23
N GLY A 179 4.20 28.66 -0.04
CA GLY A 179 4.12 28.00 -1.33
C GLY A 179 4.36 28.90 -2.53
N SER A 180 3.62 28.65 -3.60
CA SER A 180 3.75 29.42 -4.84
C SER A 180 3.00 30.73 -4.77
N GLY A 181 2.53 31.10 -3.58
CA GLY A 181 1.84 32.36 -3.40
C GLY A 181 0.39 32.45 -3.84
N GLY A 182 -0.30 31.33 -3.94
CA GLY A 182 -1.70 31.39 -4.33
C GLY A 182 -2.55 32.17 -3.33
N LEU A 183 -2.35 31.91 -2.04
CA LEU A 183 -3.12 32.61 -1.01
C LEU A 183 -2.82 34.11 -0.98
N LEU A 184 -1.53 34.46 -0.99
CA LEU A 184 -1.16 35.87 -0.95
C LEU A 184 -1.72 36.57 -2.19
N SER A 185 -1.74 35.85 -3.30
CA SER A 185 -2.27 36.39 -4.54
C SER A 185 -3.75 36.78 -4.34
N ALA A 186 -4.51 35.87 -3.76
CA ALA A 186 -5.94 36.13 -3.51
C ALA A 186 -6.15 37.30 -2.56
N LEU A 187 -5.32 37.42 -1.53
CA LEU A 187 -5.47 38.50 -0.56
C LEU A 187 -5.16 39.88 -1.16
N LEU A 188 -4.05 39.98 -1.87
CA LEU A 188 -3.63 41.25 -2.48
C LEU A 188 -4.59 41.75 -3.56
N THR A 189 -5.20 40.81 -4.27
CA THR A 189 -6.13 41.16 -5.33
C THR A 189 -7.41 41.81 -4.77
N ALA A 190 -7.86 41.32 -3.62
CA ALA A 190 -9.07 41.82 -2.97
C ALA A 190 -8.77 43.09 -2.20
N HIS A 191 -7.62 43.11 -1.54
CA HIS A 191 -7.19 44.25 -0.75
C HIS A 191 -6.03 44.91 -1.50
N GLU A 192 -6.37 45.94 -2.28
CA GLU A 192 -5.41 46.65 -3.11
C GLU A 192 -4.36 47.49 -2.38
N ASP A 193 -4.62 47.80 -1.12
CA ASP A 193 -3.67 48.58 -0.34
C ASP A 193 -2.85 47.71 0.60
N LEU A 194 -2.95 46.41 0.42
CA LEU A 194 -2.22 45.47 1.25
C LEU A 194 -0.94 45.03 0.55
N SER A 195 0.13 44.84 1.33
CA SER A 195 1.37 44.35 0.74
C SER A 195 1.73 43.06 1.49
N GLY A 196 2.57 42.24 0.88
CA GLY A 196 2.94 41.00 1.54
C GLY A 196 4.16 40.31 0.95
N THR A 197 4.67 39.33 1.68
CA THR A 197 5.83 38.59 1.21
C THR A 197 5.63 37.09 1.39
N VAL A 198 6.11 36.32 0.43
CA VAL A 198 6.04 34.88 0.50
C VAL A 198 7.40 34.42 1.00
N LEU A 199 7.40 33.61 2.05
CA LEU A 199 8.64 33.08 2.59
C LEU A 199 8.56 31.57 2.42
N ASP A 200 9.45 31.00 1.63
CA ASP A 200 9.48 29.57 1.41
C ASP A 200 10.83 29.13 0.85
N LEU A 201 10.91 27.88 0.42
CA LEU A 201 12.16 27.36 -0.14
C LEU A 201 12.28 27.82 -1.58
N GLN A 202 13.47 27.69 -2.16
CA GLN A 202 13.72 28.11 -3.54
C GLN A 202 12.62 27.74 -4.51
N GLY A 203 12.23 26.47 -4.48
CA GLY A 203 11.21 25.99 -5.37
C GLY A 203 9.93 26.80 -5.39
N PRO A 204 9.14 26.75 -4.30
CA PRO A 204 7.88 27.50 -4.25
C PRO A 204 8.09 29.01 -4.40
N ALA A 205 9.09 29.52 -3.71
CA ALA A 205 9.39 30.95 -3.76
C ALA A 205 9.59 31.43 -5.19
N SER A 206 10.27 30.62 -6.01
CA SER A 206 10.50 30.99 -7.40
C SER A 206 9.19 30.98 -8.17
N ALA A 207 8.35 29.99 -7.88
CA ALA A 207 7.06 29.90 -8.56
C ALA A 207 6.19 31.09 -8.16
N ALA A 208 6.26 31.49 -6.91
CA ALA A 208 5.47 32.62 -6.42
C ALA A 208 5.93 33.92 -7.08
N HIS A 209 7.24 34.12 -7.17
CA HIS A 209 7.77 35.32 -7.80
C HIS A 209 7.34 35.35 -9.26
N ARG A 210 7.25 34.17 -9.87
CA ARG A 210 6.83 34.06 -11.25
C ARG A 210 5.37 34.41 -11.32
N ARG A 211 4.60 33.99 -10.31
CA ARG A 211 3.18 34.28 -10.26
C ARG A 211 2.95 35.79 -10.18
N PHE A 212 3.67 36.43 -9.27
CA PHE A 212 3.52 37.87 -9.08
C PHE A 212 3.89 38.68 -10.32
N LEU A 213 4.87 38.21 -11.08
CA LEU A 213 5.27 38.89 -12.30
C LEU A 213 4.10 38.77 -13.25
N ASP A 214 3.61 37.56 -13.40
CA ASP A 214 2.51 37.27 -14.31
C ASP A 214 1.22 38.04 -14.06
N THR A 215 0.77 38.12 -12.82
CA THR A 215 -0.46 38.83 -12.53
C THR A 215 -0.27 40.30 -12.18
N GLY A 216 0.94 40.81 -12.41
CA GLY A 216 1.21 42.21 -12.13
C GLY A 216 1.18 42.62 -10.66
N LEU A 217 1.54 41.70 -9.76
CA LEU A 217 1.54 41.97 -8.33
C LEU A 217 2.93 42.23 -7.74
N SER A 218 3.98 41.95 -8.53
CA SER A 218 5.35 42.14 -8.08
C SER A 218 5.58 43.50 -7.43
N GLY A 219 4.67 44.44 -7.70
CA GLY A 219 4.79 45.75 -7.10
C GLY A 219 4.48 45.74 -5.61
N ARG A 220 3.48 44.98 -5.21
CA ARG A 220 3.08 44.91 -3.81
C ARG A 220 3.47 43.60 -3.13
N ALA A 221 3.87 42.62 -3.92
CA ALA A 221 4.25 41.33 -3.38
C ALA A 221 5.69 41.00 -3.71
N GLN A 222 6.38 40.40 -2.76
CA GLN A 222 7.76 40.02 -2.97
C GLN A 222 7.99 38.60 -2.45
N VAL A 223 9.21 38.11 -2.61
CA VAL A 223 9.53 36.77 -2.16
C VAL A 223 10.82 36.77 -1.36
N VAL A 224 10.92 35.84 -0.41
CA VAL A 224 12.12 35.70 0.41
C VAL A 224 12.44 34.21 0.53
N VAL A 225 13.52 33.78 -0.09
CA VAL A 225 13.92 32.38 0.02
C VAL A 225 14.57 32.25 1.37
N GLY A 226 13.99 31.43 2.23
CA GLY A 226 14.55 31.24 3.55
C GLY A 226 13.84 30.13 4.28
N SER A 227 14.40 29.69 5.39
CA SER A 227 13.80 28.62 6.16
C SER A 227 13.00 29.22 7.32
N PHE A 228 11.78 28.73 7.55
CA PHE A 228 11.02 29.29 8.65
C PHE A 228 11.50 28.86 10.04
N PHE A 229 12.65 28.17 10.11
CA PHE A 229 13.21 27.79 11.41
C PHE A 229 14.21 28.89 11.80
N ASP A 230 14.55 29.72 10.82
CA ASP A 230 15.47 30.84 11.00
C ASP A 230 14.68 32.13 11.20
N PRO A 231 15.37 33.22 11.55
CA PRO A 231 14.69 34.50 11.77
C PRO A 231 13.88 34.89 10.53
N LEU A 232 12.65 35.36 10.74
CA LEU A 232 11.78 35.76 9.63
C LEU A 232 11.76 37.26 9.43
N PRO A 233 11.22 37.72 8.27
CA PRO A 233 11.14 39.16 8.00
C PRO A 233 10.25 39.78 9.09
N ALA A 234 10.86 40.63 9.93
CA ALA A 234 10.15 41.24 11.05
C ALA A 234 9.43 42.52 10.68
N GLY A 235 8.58 42.98 11.60
CA GLY A 235 7.85 44.22 11.40
C GLY A 235 6.46 44.12 10.79
N ALA A 236 6.13 43.00 10.15
CA ALA A 236 4.83 42.84 9.51
C ALA A 236 3.67 42.82 10.51
N GLY A 237 2.47 43.16 10.04
CA GLY A 237 1.30 43.16 10.89
C GLY A 237 0.74 41.76 11.13
N GLY A 238 1.03 40.85 10.20
CA GLY A 238 0.55 39.48 10.34
C GLY A 238 1.40 38.44 9.64
N TYR A 239 1.48 37.27 10.25
CA TYR A 239 2.23 36.15 9.70
C TYR A 239 1.25 35.00 9.57
N VAL A 240 1.13 34.48 8.36
CA VAL A 240 0.21 33.40 8.08
C VAL A 240 0.91 32.04 7.98
N LEU A 241 0.33 31.06 8.65
CA LEU A 241 0.82 29.69 8.62
C LEU A 241 -0.33 28.89 8.02
N SER A 242 -0.32 28.81 6.69
CA SER A 242 -1.37 28.12 5.93
C SER A 242 -1.01 26.67 5.63
N ALA A 243 -1.67 25.74 6.29
CA ALA A 243 -1.41 24.31 6.08
C ALA A 243 0.08 23.97 6.25
N VAL A 244 0.69 24.52 7.30
CA VAL A 244 2.10 24.29 7.58
C VAL A 244 2.33 23.47 8.86
N LEU A 245 1.80 23.96 9.98
CA LEU A 245 1.99 23.29 11.26
C LEU A 245 1.72 21.80 11.33
N HIS A 246 0.66 21.33 10.65
CA HIS A 246 0.36 19.90 10.70
C HIS A 246 1.45 19.05 10.04
N ASP A 247 2.36 19.70 9.31
CA ASP A 247 3.47 19.03 8.63
C ASP A 247 4.61 18.73 9.60
N TRP A 248 4.51 19.26 10.81
CA TRP A 248 5.57 19.08 11.78
C TRP A 248 5.18 18.50 13.13
N ASP A 249 6.19 17.95 13.81
CA ASP A 249 6.06 17.38 15.15
C ASP A 249 5.99 18.58 16.10
N ASP A 250 5.63 18.36 17.35
CA ASP A 250 5.52 19.46 18.31
C ASP A 250 6.78 20.32 18.45
N LEU A 251 7.92 19.65 18.59
CA LEU A 251 9.18 20.36 18.74
C LEU A 251 9.42 21.36 17.60
N SER A 252 9.27 20.92 16.36
CA SER A 252 9.48 21.79 15.21
C SER A 252 8.37 22.83 15.08
N ALA A 253 7.15 22.42 15.39
CA ALA A 253 6.00 23.33 15.33
C ALA A 253 6.23 24.53 16.25
N VAL A 254 6.63 24.27 17.49
CA VAL A 254 6.88 25.38 18.40
C VAL A 254 8.03 26.22 17.86
N ALA A 255 9.02 25.58 17.25
CA ALA A 255 10.16 26.30 16.70
C ALA A 255 9.67 27.32 15.67
N ILE A 256 8.76 26.88 14.80
CA ILE A 256 8.20 27.75 13.77
C ILE A 256 7.36 28.85 14.39
N LEU A 257 6.47 28.47 15.30
CA LEU A 257 5.61 29.45 15.94
C LEU A 257 6.46 30.49 16.69
N ARG A 258 7.54 30.02 17.29
CA ARG A 258 8.45 30.89 18.03
C ARG A 258 9.08 31.93 17.13
N ARG A 259 9.42 31.55 15.90
CA ARG A 259 10.01 32.50 14.95
C ARG A 259 8.98 33.52 14.50
N CYS A 260 7.72 33.10 14.49
CA CYS A 260 6.62 33.96 14.09
C CYS A 260 6.32 34.99 15.17
N ALA A 261 6.29 34.53 16.42
CA ALA A 261 6.02 35.42 17.54
C ALA A 261 7.14 36.44 17.61
N GLU A 262 8.36 35.98 17.33
CA GLU A 262 9.52 36.86 17.34
C GLU A 262 9.26 38.00 16.37
N ALA A 263 9.05 37.64 15.10
CA ALA A 263 8.83 38.63 14.06
C ALA A 263 7.61 39.52 14.25
N ALA A 264 6.55 38.98 14.85
CA ALA A 264 5.31 39.74 15.08
C ALA A 264 5.40 40.69 16.27
N GLY A 265 6.12 40.27 17.31
CA GLY A 265 6.25 41.09 18.49
C GLY A 265 4.91 41.41 19.13
N SER A 266 4.86 42.51 19.86
CA SER A 266 3.64 42.92 20.54
C SER A 266 2.59 43.48 19.59
N GLY A 267 3.02 44.04 18.46
CA GLY A 267 2.08 44.62 17.53
C GLY A 267 1.45 43.76 16.44
N GLY A 268 2.09 42.66 16.06
CA GLY A 268 1.55 41.82 15.01
C GLY A 268 0.68 40.65 15.43
N VAL A 269 0.14 39.93 14.45
CA VAL A 269 -0.70 38.77 14.74
C VAL A 269 -0.16 37.57 13.99
N VAL A 270 -0.45 36.37 14.50
CA VAL A 270 -0.02 35.14 13.87
C VAL A 270 -1.29 34.36 13.59
N LEU A 271 -1.50 34.00 12.33
CA LEU A 271 -2.69 33.29 11.92
C LEU A 271 -2.42 31.89 11.43
N VAL A 272 -2.88 30.89 12.19
CA VAL A 272 -2.72 29.51 11.79
C VAL A 272 -3.99 29.14 11.03
N ILE A 273 -3.83 28.71 9.79
CA ILE A 273 -4.99 28.32 8.98
C ILE A 273 -4.86 26.85 8.58
N GLU A 274 -5.73 26.03 9.15
CA GLU A 274 -5.73 24.61 8.82
C GLU A 274 -6.90 23.90 9.48
N ALA A 275 -7.08 22.64 9.14
CA ALA A 275 -8.19 21.87 9.71
C ALA A 275 -7.90 21.48 11.14
N VAL A 276 -8.57 22.13 12.09
CA VAL A 276 -8.38 21.78 13.48
C VAL A 276 -9.02 20.41 13.67
N ALA A 277 -8.54 19.65 14.66
CA ALA A 277 -9.07 18.32 14.93
C ALA A 277 -10.58 18.26 14.90
N GLY A 278 -11.23 19.43 14.94
CA GLY A 278 -12.68 19.47 14.90
C GLY A 278 -13.25 19.21 13.51
N ALA A 282 -9.96 17.60 7.92
CA ALA A 282 -10.07 16.15 7.93
C ALA A 282 -9.89 15.56 9.33
N GLY A 283 -9.87 14.24 9.41
CA GLY A 283 -9.70 13.56 10.69
C GLY A 283 -8.58 12.55 10.79
N THR A 284 -8.89 11.40 11.38
CA THR A 284 -7.90 10.33 11.57
C THR A 284 -7.12 9.96 10.31
N GLY A 285 -7.78 9.98 9.16
CA GLY A 285 -7.12 9.65 7.90
C GLY A 285 -5.96 10.57 7.55
N MET A 286 -6.21 11.88 7.57
CA MET A 286 -5.18 12.88 7.26
C MET A 286 -4.13 12.85 8.35
N ASP A 287 -4.57 12.69 9.59
CA ASP A 287 -3.65 12.61 10.72
C ASP A 287 -2.56 11.56 10.43
N LEU A 288 -2.99 10.37 10.02
CA LEU A 288 -2.03 9.32 9.71
C LEU A 288 -1.15 9.70 8.52
N ARG A 289 -1.73 10.40 7.53
CA ARG A 289 -0.96 10.81 6.37
C ARG A 289 0.15 11.75 6.83
N MET A 290 -0.20 12.69 7.70
CA MET A 290 0.78 13.64 8.23
C MET A 290 1.88 12.88 8.97
N LEU A 291 1.49 11.88 9.77
CA LEU A 291 2.47 11.08 10.49
C LEU A 291 3.41 10.32 9.53
N THR A 292 2.84 9.68 8.52
CA THR A 292 3.65 8.90 7.58
C THR A 292 4.56 9.76 6.70
N TYR A 293 4.06 10.91 6.27
CA TYR A 293 4.83 11.82 5.42
C TYR A 293 5.94 12.56 6.12
N PHE A 294 5.61 13.25 7.22
CA PHE A 294 6.59 14.06 7.93
C PHE A 294 6.69 13.81 9.42
N GLY A 295 5.85 12.96 9.98
CA GLY A 295 5.91 12.79 11.41
C GLY A 295 5.13 13.96 11.98
N GLY A 296 4.34 14.60 11.13
CA GLY A 296 3.52 15.72 11.57
C GLY A 296 2.24 15.24 12.21
N LYS A 297 1.26 16.12 12.36
CA LYS A 297 -0.01 15.71 12.97
C LYS A 297 -1.12 16.74 12.90
N GLU A 298 -2.36 16.25 12.90
CA GLU A 298 -3.51 17.15 12.92
C GLU A 298 -3.68 17.48 14.39
N ARG A 299 -3.94 18.75 14.69
CA ARG A 299 -4.11 19.14 16.06
C ARG A 299 -5.46 19.78 16.35
N SER A 300 -5.86 19.74 17.60
CA SER A 300 -7.11 20.36 18.03
C SER A 300 -6.79 21.82 18.36
N LEU A 301 -7.82 22.62 18.57
CA LEU A 301 -7.61 24.02 18.92
C LEU A 301 -6.84 24.06 20.25
N ALA A 302 -7.13 23.09 21.11
CA ALA A 302 -6.48 23.00 22.41
C ALA A 302 -4.98 22.68 22.27
N GLU A 303 -4.65 21.72 21.43
CA GLU A 303 -3.24 21.36 21.22
C GLU A 303 -2.54 22.55 20.60
N LEU A 304 -3.27 23.28 19.78
CA LEU A 304 -2.73 24.48 19.13
C LEU A 304 -2.42 25.52 20.22
N GLY A 305 -3.31 25.62 21.20
CA GLY A 305 -3.12 26.57 22.29
C GLY A 305 -1.90 26.20 23.11
N GLU A 306 -1.71 24.92 23.34
CA GLU A 306 -0.57 24.45 24.13
C GLU A 306 0.71 24.81 23.38
N LEU A 307 0.70 24.63 22.06
CA LEU A 307 1.86 24.97 21.25
C LEU A 307 2.10 26.48 21.27
N ALA A 308 1.01 27.24 21.19
CA ALA A 308 1.10 28.70 21.19
C ALA A 308 1.77 29.23 22.45
N ALA A 309 1.36 28.69 23.60
CA ALA A 309 1.90 29.11 24.88
C ALA A 309 3.41 28.93 24.89
N GLN A 310 3.86 27.78 24.42
CA GLN A 310 5.29 27.50 24.41
C GLN A 310 6.11 28.47 23.56
N ALA A 311 5.44 29.19 22.65
CA ALA A 311 6.12 30.15 21.79
C ALA A 311 5.87 31.57 22.26
N GLY A 312 5.25 31.71 23.43
CA GLY A 312 4.98 33.03 23.96
C GLY A 312 3.74 33.66 23.32
N LEU A 313 2.88 32.83 22.74
CA LEU A 313 1.67 33.30 22.08
C LEU A 313 0.39 32.82 22.76
N ALA A 314 -0.73 33.43 22.38
CA ALA A 314 -2.03 33.06 22.93
C ALA A 314 -3.09 33.11 21.85
N VAL A 315 -4.04 32.18 21.92
CA VAL A 315 -5.13 32.15 20.96
C VAL A 315 -6.15 33.19 21.39
N ARG A 316 -6.55 34.05 20.46
CA ARG A 316 -7.51 35.10 20.77
C ARG A 316 -8.83 34.85 20.08
N ALA A 317 -8.82 34.02 19.05
CA ALA A 317 -10.03 33.70 18.30
C ALA A 317 -9.76 32.61 17.28
N ALA A 318 -10.83 31.96 16.82
CA ALA A 318 -10.77 30.89 15.83
C ALA A 318 -11.96 31.05 14.88
N HIS A 319 -11.68 31.43 13.64
CA HIS A 319 -12.71 31.66 12.64
C HIS A 319 -12.88 30.48 11.68
N PRO A 320 -14.09 29.91 11.65
CA PRO A 320 -14.33 28.79 10.74
C PRO A 320 -14.48 29.39 9.35
N ILE A 321 -13.97 28.74 8.32
CA ILE A 321 -14.12 29.32 6.99
C ILE A 321 -14.60 28.29 5.99
N SER A 322 -14.53 27.03 6.38
CA SER A 322 -14.95 25.93 5.52
C SER A 322 -14.56 24.66 6.24
N TYR A 323 -13.77 23.84 5.58
CA TYR A 323 -13.28 22.59 6.15
C TYR A 323 -12.19 22.96 7.12
N VAL A 324 -11.62 24.15 6.94
CA VAL A 324 -10.55 24.62 7.81
C VAL A 324 -10.95 25.86 8.59
N SER A 325 -10.08 26.28 9.49
CA SER A 325 -10.34 27.45 10.32
C SER A 325 -9.13 28.36 10.37
N ILE A 326 -9.37 29.62 10.74
CA ILE A 326 -8.31 30.61 10.89
C ILE A 326 -8.18 30.85 12.39
N VAL A 327 -7.04 30.49 12.95
CA VAL A 327 -6.80 30.66 14.37
C VAL A 327 -5.87 31.86 14.58
N GLU A 328 -6.39 32.87 15.27
CA GLU A 328 -5.68 34.11 15.53
C GLU A 328 -4.91 34.10 16.86
N MET A 329 -3.60 34.34 16.80
CA MET A 329 -2.74 34.35 17.99
C MET A 329 -2.00 35.68 18.10
N THR A 330 -1.73 36.14 19.33
CA THR A 330 -0.96 37.37 19.52
C THR A 330 -0.03 37.18 20.71
N ALA A 331 0.88 38.13 20.92
CA ALA A 331 1.83 38.08 22.02
C ALA A 331 1.13 37.76 23.33
N LEU A 332 1.67 36.78 24.04
CA LEU A 332 1.11 36.36 25.32
C LEU A 332 1.53 37.33 26.42
N GLY B 9 -16.42 6.08 -3.85
CA GLY B 9 -15.45 7.10 -4.38
C GLY B 9 -14.19 6.48 -4.96
N LEU B 10 -13.51 7.20 -5.85
CA LEU B 10 -12.31 6.71 -6.50
C LEU B 10 -11.08 6.88 -5.62
N ARG B 11 -10.96 8.06 -4.99
CA ARG B 11 -9.85 8.34 -4.11
C ARG B 11 -10.01 7.44 -2.87
N ALA B 12 -11.24 7.00 -2.62
CA ALA B 12 -11.55 6.12 -1.51
C ALA B 12 -11.14 4.69 -1.83
N LEU B 13 -11.42 4.27 -3.05
CA LEU B 13 -11.07 2.92 -3.50
C LEU B 13 -9.55 2.74 -3.44
N ALA B 14 -8.82 3.84 -3.59
CA ALA B 14 -7.37 3.79 -3.58
C ALA B 14 -6.73 4.04 -2.23
N ASP B 15 -7.54 4.20 -1.19
CA ASP B 15 -6.96 4.47 0.12
C ASP B 15 -6.04 3.37 0.63
N LEU B 16 -4.89 3.77 1.15
CA LEU B 16 -3.91 2.82 1.68
C LEU B 16 -3.82 2.93 3.20
N ALA B 17 -4.26 4.08 3.73
CA ALA B 17 -4.23 4.35 5.16
C ALA B 17 -4.94 3.30 6.01
N THR B 18 -6.19 3.03 5.68
CA THR B 18 -6.93 2.06 6.46
C THR B 18 -6.40 0.63 6.36
N PRO B 19 -6.10 0.15 5.15
CA PRO B 19 -5.59 -1.22 5.00
C PRO B 19 -4.29 -1.46 5.80
N MET B 20 -3.39 -0.49 5.76
CA MET B 20 -2.13 -0.60 6.47
C MET B 20 -2.36 -0.43 7.97
N ALA B 21 -3.29 0.43 8.35
CA ALA B 21 -3.60 0.63 9.77
C ALA B 21 -4.07 -0.71 10.32
N VAL B 22 -4.92 -1.41 9.57
CA VAL B 22 -5.42 -2.71 9.99
C VAL B 22 -4.26 -3.69 10.14
N ARG B 23 -3.42 -3.76 9.13
CA ARG B 23 -2.27 -4.66 9.14
C ARG B 23 -1.26 -4.37 10.25
N VAL B 24 -1.03 -3.11 10.55
CA VAL B 24 -0.11 -2.77 11.62
C VAL B 24 -0.71 -3.24 12.94
N ALA B 25 -2.01 -3.05 13.13
CA ALA B 25 -2.69 -3.46 14.37
C ALA B 25 -2.59 -4.99 14.56
N ALA B 26 -2.86 -5.74 13.49
CA ALA B 26 -2.78 -7.19 13.54
C ALA B 26 -1.36 -7.62 13.90
N THR B 27 -0.37 -7.00 13.26
CA THR B 27 1.03 -7.32 13.48
C THR B 27 1.44 -7.06 14.94
N LEU B 28 1.00 -5.91 15.47
CA LEU B 28 1.31 -5.57 16.85
C LEU B 28 0.38 -6.34 17.80
N ARG B 29 -0.58 -7.05 17.22
CA ARG B 29 -1.53 -7.86 17.98
C ARG B 29 -2.22 -7.03 19.06
N VAL B 30 -2.66 -5.84 18.69
CA VAL B 30 -3.33 -4.93 19.62
C VAL B 30 -4.57 -5.56 20.24
N ALA B 31 -5.37 -6.25 19.44
CA ALA B 31 -6.58 -6.89 19.93
C ALA B 31 -6.25 -7.92 21.01
N ASP B 32 -5.20 -8.71 20.78
CA ASP B 32 -4.80 -9.70 21.77
C ASP B 32 -4.42 -8.99 23.07
N HIS B 33 -3.55 -7.98 22.98
CA HIS B 33 -3.13 -7.24 24.17
C HIS B 33 -4.33 -6.68 24.94
N ILE B 34 -5.28 -6.10 24.20
CA ILE B 34 -6.48 -5.54 24.81
C ILE B 34 -7.22 -6.61 25.62
N ALA B 35 -7.52 -7.72 24.95
CA ALA B 35 -8.21 -8.83 25.60
C ALA B 35 -7.42 -9.32 26.80
N ALA B 36 -6.10 -9.14 26.75
CA ALA B 36 -5.23 -9.57 27.83
C ALA B 36 -5.31 -8.61 29.02
N GLY B 37 -5.72 -7.37 28.79
CA GLY B 37 -5.82 -6.43 29.90
C GLY B 37 -5.20 -5.07 29.66
N HIS B 38 -4.38 -4.96 28.61
CA HIS B 38 -3.75 -3.68 28.29
C HIS B 38 -4.75 -2.92 27.42
N ARG B 39 -5.49 -1.99 28.02
CA ARG B 39 -6.50 -1.22 27.26
C ARG B 39 -6.14 0.24 27.07
N THR B 40 -5.00 0.66 27.60
CA THR B 40 -4.57 2.04 27.45
C THR B 40 -3.51 2.10 26.35
N ALA B 41 -3.41 3.26 25.70
CA ALA B 41 -2.41 3.44 24.65
C ALA B 41 -1.02 3.11 25.18
N ALA B 42 -0.65 3.72 26.31
CA ALA B 42 0.64 3.47 26.91
C ALA B 42 0.84 2.00 27.25
N GLU B 43 -0.21 1.37 27.76
CA GLU B 43 -0.14 -0.05 28.13
C GLU B 43 0.00 -0.96 26.92
N ILE B 44 -0.76 -0.70 25.88
CA ILE B 44 -0.68 -1.51 24.67
C ILE B 44 0.70 -1.32 24.06
N ALA B 45 1.11 -0.07 23.88
CA ALA B 45 2.40 0.24 23.32
C ALA B 45 3.53 -0.42 24.12
N SER B 46 3.29 -0.58 25.42
CA SER B 46 4.29 -1.20 26.29
C SER B 46 4.36 -2.69 25.99
N ALA B 47 3.20 -3.31 25.84
CA ALA B 47 3.14 -4.73 25.56
C ALA B 47 3.60 -5.03 24.13
N ALA B 48 3.18 -4.19 23.18
CA ALA B 48 3.54 -4.37 21.79
C ALA B 48 4.86 -3.72 21.38
N GLY B 49 5.52 -3.07 22.33
CA GLY B 49 6.78 -2.41 22.02
C GLY B 49 6.66 -1.33 20.95
N ALA B 50 5.67 -0.45 21.11
CA ALA B 50 5.45 0.63 20.16
C ALA B 50 5.61 2.01 20.81
N HIS B 51 5.39 3.06 20.02
CA HIS B 51 5.47 4.43 20.50
C HIS B 51 4.04 4.79 20.92
N ALA B 52 3.81 5.03 22.20
CA ALA B 52 2.47 5.32 22.72
C ALA B 52 1.67 6.40 21.99
N ASP B 53 2.24 7.58 21.79
CA ASP B 53 1.52 8.63 21.09
C ASP B 53 1.10 8.18 19.70
N SER B 54 2.04 7.60 18.95
CA SER B 54 1.74 7.12 17.61
C SER B 54 0.73 5.98 17.63
N LEU B 55 0.84 5.07 18.60
CA LEU B 55 -0.09 3.95 18.66
C LEU B 55 -1.52 4.45 18.92
N ASP B 56 -1.64 5.48 19.73
CA ASP B 56 -2.93 6.05 20.05
C ASP B 56 -3.59 6.65 18.80
N ARG B 57 -2.77 7.21 17.92
CA ARG B 57 -3.29 7.81 16.70
C ARG B 57 -3.79 6.72 15.75
N LEU B 58 -3.12 5.57 15.76
CA LEU B 58 -3.54 4.45 14.91
C LEU B 58 -4.87 3.88 15.42
N LEU B 59 -4.97 3.70 16.73
CA LEU B 59 -6.17 3.15 17.36
C LEU B 59 -7.38 4.05 17.13
N ARG B 60 -7.16 5.36 17.20
CA ARG B 60 -8.25 6.31 17.00
C ARG B 60 -8.79 6.19 15.58
N HIS B 61 -7.90 5.91 14.64
CA HIS B 61 -8.31 5.75 13.26
C HIS B 61 -9.14 4.47 13.17
N LEU B 62 -8.71 3.43 13.87
CA LEU B 62 -9.42 2.16 13.82
C LEU B 62 -10.74 2.18 14.59
N VAL B 63 -10.87 3.13 15.52
CA VAL B 63 -12.11 3.28 16.27
C VAL B 63 -13.12 3.75 15.24
N ALA B 64 -12.73 4.77 14.47
CA ALA B 64 -13.59 5.35 13.43
C ALA B 64 -13.94 4.37 12.33
N VAL B 65 -13.13 3.33 12.18
CA VAL B 65 -13.36 2.31 11.17
C VAL B 65 -14.33 1.26 11.71
N GLY B 66 -14.38 1.13 13.04
CA GLY B 66 -15.29 0.18 13.65
C GLY B 66 -14.67 -1.12 14.13
N LEU B 67 -13.39 -1.08 14.48
CA LEU B 67 -12.72 -2.29 14.95
C LEU B 67 -12.50 -2.20 16.45
N PHE B 68 -12.32 -0.99 16.93
CA PHE B 68 -12.07 -0.74 18.34
C PHE B 68 -13.02 0.27 18.98
N THR B 69 -13.17 0.15 20.30
CA THR B 69 -14.01 1.04 21.08
C THR B 69 -13.09 1.82 22.01
N ARG B 70 -13.46 3.05 22.31
CA ARG B 70 -12.66 3.89 23.17
C ARG B 70 -13.56 4.75 24.05
N ASP B 71 -13.35 4.71 25.36
CA ASP B 71 -14.17 5.51 26.27
C ASP B 71 -13.46 6.79 26.66
N GLY B 72 -14.25 7.77 27.14
CA GLY B 72 -13.73 9.06 27.54
C GLY B 72 -12.66 9.00 28.61
N GLN B 73 -12.36 7.80 29.08
CA GLN B 73 -11.34 7.62 30.10
C GLN B 73 -10.00 7.32 29.39
N GLY B 74 -10.10 6.83 28.16
CA GLY B 74 -8.91 6.51 27.39
C GLY B 74 -8.73 5.01 27.27
N VAL B 75 -9.68 4.27 27.84
CA VAL B 75 -9.64 2.81 27.83
C VAL B 75 -10.17 2.31 26.49
N TYR B 76 -9.43 1.39 25.89
CA TYR B 76 -9.83 0.81 24.61
C TYR B 76 -10.45 -0.57 24.75
N GLY B 77 -11.34 -0.90 23.82
CA GLY B 77 -12.00 -2.19 23.81
C GLY B 77 -12.19 -2.70 22.39
N LEU B 78 -12.61 -3.95 22.26
CA LEU B 78 -12.83 -4.55 20.95
C LEU B 78 -14.30 -4.62 20.60
N THR B 79 -14.62 -4.36 19.33
CA THR B 79 -16.00 -4.42 18.85
C THR B 79 -16.19 -5.83 18.33
N GLU B 80 -17.39 -6.17 17.86
CA GLU B 80 -17.64 -7.50 17.32
C GLU B 80 -16.55 -7.81 16.30
N PHE B 81 -16.41 -6.90 15.35
CA PHE B 81 -15.45 -7.01 14.27
C PHE B 81 -14.01 -7.03 14.77
N GLY B 82 -13.70 -6.15 15.72
CA GLY B 82 -12.36 -6.10 16.26
C GLY B 82 -11.92 -7.44 16.82
N GLU B 83 -12.88 -8.26 17.27
CA GLU B 83 -12.60 -9.57 17.82
C GLU B 83 -11.86 -10.44 16.80
N GLN B 84 -12.13 -10.20 15.52
CA GLN B 84 -11.50 -10.95 14.46
C GLN B 84 -10.00 -10.75 14.40
N LEU B 85 -9.52 -9.69 15.02
CA LEU B 85 -8.08 -9.43 15.03
C LEU B 85 -7.37 -10.33 16.03
N ARG B 86 -8.15 -11.00 16.87
CA ARG B 86 -7.59 -11.93 17.85
C ARG B 86 -6.82 -13.03 17.13
N ASP B 87 -5.63 -13.34 17.61
CA ASP B 87 -4.85 -14.40 16.99
C ASP B 87 -5.50 -15.72 17.37
N ASP B 88 -6.44 -15.62 18.30
CA ASP B 88 -7.17 -16.75 18.83
C ASP B 88 -8.46 -17.02 18.05
N HIS B 89 -9.04 -15.96 17.49
CA HIS B 89 -10.29 -16.03 16.73
C HIS B 89 -10.38 -17.22 15.76
N ALA B 90 -11.59 -17.77 15.64
CA ALA B 90 -11.85 -18.91 14.78
C ALA B 90 -11.58 -18.67 13.30
N ALA B 91 -12.02 -17.53 12.79
CA ALA B 91 -11.83 -17.21 11.38
C ALA B 91 -10.35 -17.14 11.00
N GLY B 92 -9.48 -17.03 11.99
CA GLY B 92 -8.05 -16.97 11.74
C GLY B 92 -7.61 -15.90 10.75
N LYS B 93 -8.24 -14.73 10.79
CA LYS B 93 -7.89 -13.63 9.90
C LYS B 93 -6.50 -13.07 10.17
N ARG B 94 -6.17 -12.91 11.45
CA ARG B 94 -4.87 -12.39 11.89
C ARG B 94 -3.73 -12.85 11.00
N LYS B 95 -3.77 -14.11 10.58
CA LYS B 95 -2.73 -14.69 9.73
C LYS B 95 -2.62 -14.02 8.37
N TRP B 96 -3.74 -13.54 7.84
CA TRP B 96 -3.74 -12.87 6.54
C TRP B 96 -3.18 -11.46 6.62
N LEU B 97 -3.21 -10.88 7.81
CA LEU B 97 -2.74 -9.51 8.00
C LEU B 97 -1.40 -9.32 8.69
N ASP B 98 -1.04 -10.20 9.61
CA ASP B 98 0.23 -10.11 10.34
C ASP B 98 1.43 -10.08 9.39
N MET B 99 2.12 -8.96 9.37
CA MET B 99 3.28 -8.78 8.52
C MET B 99 4.34 -9.85 8.75
N ASN B 100 4.17 -10.58 9.85
CA ASN B 100 5.07 -11.68 10.17
C ASN B 100 4.56 -12.95 9.49
N SER B 101 3.27 -12.97 9.17
CA SER B 101 2.64 -14.10 8.50
C SER B 101 2.93 -14.12 7.01
N ALA B 102 2.90 -15.31 6.44
CA ALA B 102 3.17 -15.55 5.03
C ALA B 102 2.55 -14.55 4.07
N VAL B 103 1.22 -14.49 4.07
CA VAL B 103 0.47 -13.61 3.19
C VAL B 103 0.44 -12.16 3.70
N GLY B 104 0.61 -11.98 4.99
CA GLY B 104 0.61 -10.65 5.56
C GLY B 104 1.90 -9.98 5.14
N ARG B 105 2.92 -10.78 4.91
CA ARG B 105 4.21 -10.25 4.48
C ARG B 105 4.28 -10.03 2.98
N GLY B 106 3.86 -11.04 2.22
CA GLY B 106 3.91 -10.95 0.77
C GLY B 106 2.96 -9.91 0.22
N ASP B 107 1.85 -9.70 0.91
CA ASP B 107 0.88 -8.72 0.47
C ASP B 107 1.44 -7.30 0.38
N LEU B 108 2.40 -6.95 1.24
CA LEU B 108 2.95 -5.61 1.19
C LEU B 108 3.68 -5.45 -0.14
N GLY B 109 3.97 -6.60 -0.76
CA GLY B 109 4.63 -6.60 -2.05
C GLY B 109 3.77 -5.90 -3.08
N PHE B 110 2.47 -5.82 -2.80
CA PHE B 110 1.54 -5.15 -3.71
C PHE B 110 1.98 -3.70 -3.94
N VAL B 111 2.75 -3.14 -3.01
CA VAL B 111 3.18 -1.75 -3.18
C VAL B 111 4.08 -1.60 -4.40
N GLU B 112 4.65 -2.72 -4.90
CA GLU B 112 5.51 -2.71 -6.08
C GLU B 112 4.79 -3.26 -7.32
N LEU B 113 3.47 -3.35 -7.27
CA LEU B 113 2.68 -3.87 -8.37
C LEU B 113 3.01 -3.32 -9.75
N ALA B 114 3.42 -2.05 -9.81
CA ALA B 114 3.77 -1.43 -11.09
C ALA B 114 4.85 -2.23 -11.80
N HIS B 115 5.82 -2.73 -11.04
CA HIS B 115 6.90 -3.50 -11.64
C HIS B 115 6.39 -4.75 -12.35
N SER B 116 5.45 -5.46 -11.72
CA SER B 116 4.88 -6.66 -12.32
C SER B 116 4.08 -6.29 -13.56
N ILE B 117 3.33 -5.20 -13.50
CA ILE B 117 2.52 -4.82 -14.65
C ILE B 117 3.40 -4.43 -15.85
N ARG B 118 4.47 -3.70 -15.60
CA ARG B 118 5.36 -3.29 -16.67
C ARG B 118 6.25 -4.40 -17.21
N THR B 119 6.62 -5.36 -16.37
CA THR B 119 7.53 -6.43 -16.82
C THR B 119 7.04 -7.88 -16.73
N GLY B 120 6.02 -8.13 -15.91
CA GLY B 120 5.54 -9.49 -15.76
C GLY B 120 6.34 -10.27 -14.71
N GLN B 121 7.27 -9.59 -14.06
CA GLN B 121 8.09 -10.22 -13.02
C GLN B 121 7.40 -10.02 -11.68
N PRO B 122 7.73 -10.87 -10.69
CA PRO B 122 7.13 -10.77 -9.35
C PRO B 122 7.47 -9.45 -8.68
N ALA B 123 6.52 -8.88 -7.95
CA ALA B 123 6.76 -7.63 -7.25
C ALA B 123 7.52 -7.87 -5.94
N TYR B 124 7.15 -8.95 -5.25
CA TYR B 124 7.74 -9.33 -3.97
C TYR B 124 9.26 -9.15 -3.82
N PRO B 125 10.04 -9.58 -4.83
CA PRO B 125 11.49 -9.45 -4.78
C PRO B 125 11.93 -8.00 -4.76
N VAL B 126 11.16 -7.14 -5.42
CA VAL B 126 11.48 -5.72 -5.48
C VAL B 126 11.43 -5.13 -4.08
N ARG B 127 10.55 -5.68 -3.25
CA ARG B 127 10.42 -5.20 -1.89
C ARG B 127 11.42 -5.87 -0.95
N TYR B 128 11.40 -7.20 -0.92
CA TYR B 128 12.25 -7.96 -0.02
C TYR B 128 13.64 -8.42 -0.48
N GLY B 129 13.97 -8.25 -1.76
CA GLY B 129 15.28 -8.65 -2.22
C GLY B 129 15.49 -10.16 -2.37
N THR B 130 14.58 -10.95 -1.82
CA THR B 130 14.66 -12.39 -1.91
C THR B 130 13.36 -12.84 -2.57
N SER B 131 13.27 -14.09 -2.98
CA SER B 131 12.05 -14.58 -3.59
C SER B 131 11.10 -15.11 -2.51
N PHE B 132 9.82 -15.17 -2.83
CA PHE B 132 8.82 -15.66 -1.88
C PHE B 132 9.11 -17.08 -1.41
N TRP B 133 9.26 -18.02 -2.33
CA TRP B 133 9.52 -19.41 -1.95
C TRP B 133 10.83 -19.60 -1.19
N GLU B 134 11.78 -18.69 -1.38
CA GLU B 134 13.05 -18.76 -0.67
C GLU B 134 12.77 -18.60 0.83
N ASP B 135 12.07 -17.52 1.18
CA ASP B 135 11.76 -17.24 2.58
C ASP B 135 10.91 -18.34 3.23
N LEU B 136 9.82 -18.72 2.60
CA LEU B 136 8.97 -19.79 3.15
C LEU B 136 9.79 -21.07 3.36
N GLY B 137 10.66 -21.38 2.40
CA GLY B 137 11.46 -22.58 2.50
C GLY B 137 12.47 -22.50 3.63
N SER B 138 12.69 -21.29 4.14
CA SER B 138 13.65 -21.06 5.21
C SER B 138 13.02 -20.93 6.59
N ASP B 139 11.70 -20.91 6.66
CA ASP B 139 11.04 -20.75 7.96
C ASP B 139 9.80 -21.62 8.08
N PRO B 140 9.94 -22.79 8.73
CA PRO B 140 8.84 -23.75 8.93
C PRO B 140 7.58 -23.10 9.51
N VAL B 141 7.77 -22.00 10.23
CA VAL B 141 6.66 -21.30 10.83
C VAL B 141 5.98 -20.55 9.68
N LEU B 142 6.71 -19.60 9.10
CA LEU B 142 6.22 -18.82 7.97
C LEU B 142 5.56 -19.75 6.95
N SER B 143 6.17 -20.90 6.77
CA SER B 143 5.71 -21.93 5.84
C SER B 143 4.33 -22.47 6.24
N ALA B 144 4.24 -22.91 7.48
CA ALA B 144 3.00 -23.46 7.99
C ALA B 144 1.86 -22.44 8.00
N SER B 145 2.20 -21.16 8.22
CA SER B 145 1.17 -20.12 8.23
C SER B 145 0.51 -19.96 6.86
N PHE B 146 1.31 -20.07 5.80
CA PHE B 146 0.82 -19.94 4.43
C PHE B 146 -0.01 -21.14 3.99
N ASP B 147 0.36 -22.33 4.47
CA ASP B 147 -0.37 -23.53 4.10
C ASP B 147 -1.75 -23.58 4.79
N THR B 148 -1.77 -23.53 6.12
CA THR B 148 -3.04 -23.54 6.84
C THR B 148 -3.91 -22.40 6.33
N LEU B 149 -3.26 -21.32 5.93
CA LEU B 149 -3.96 -20.17 5.41
C LEU B 149 -4.26 -20.38 3.93
N MET B 150 -4.38 -21.64 3.53
CA MET B 150 -4.68 -21.96 2.14
C MET B 150 -5.48 -23.24 1.97
N THR B 159 -9.18 -34.11 -3.87
CA THR B 159 -9.24 -35.45 -3.26
C THR B 159 -9.52 -36.50 -4.32
N GLY B 160 -10.74 -36.51 -4.83
CA GLY B 160 -11.11 -37.47 -5.85
C GLY B 160 -10.12 -37.50 -7.00
N ILE B 161 -9.23 -36.51 -7.04
CA ILE B 161 -8.21 -36.41 -8.06
C ILE B 161 -7.45 -37.74 -8.21
N ALA B 162 -7.35 -38.48 -7.11
CA ALA B 162 -6.66 -39.76 -7.12
C ALA B 162 -7.58 -40.78 -7.78
N ALA B 163 -8.85 -40.74 -7.38
CA ALA B 163 -9.85 -41.65 -7.91
C ALA B 163 -10.17 -41.29 -9.34
N LYS B 164 -9.28 -40.55 -9.99
CA LYS B 164 -9.50 -40.14 -11.36
C LYS B 164 -8.38 -40.58 -12.28
N TYR B 165 -7.24 -40.96 -11.69
CA TYR B 165 -6.09 -41.40 -12.47
C TYR B 165 -5.54 -42.71 -11.92
N ASP B 166 -4.77 -43.43 -12.73
CA ASP B 166 -4.20 -44.70 -12.29
C ASP B 166 -2.82 -44.49 -11.69
N TRP B 167 -2.79 -44.06 -10.43
CA TRP B 167 -1.54 -43.80 -9.71
C TRP B 167 -0.85 -45.11 -9.36
N ALA B 168 -1.67 -46.08 -8.95
CA ALA B 168 -1.18 -47.40 -8.56
C ALA B 168 -0.18 -47.99 -9.55
N ALA B 169 -0.44 -47.78 -10.83
CA ALA B 169 0.46 -48.31 -11.87
C ALA B 169 1.86 -47.71 -11.80
N LEU B 170 1.98 -46.51 -11.25
CA LEU B 170 3.29 -45.85 -11.13
C LEU B 170 4.18 -46.61 -10.18
N GLY B 171 3.57 -47.21 -9.16
CA GLY B 171 4.33 -47.96 -8.17
C GLY B 171 4.81 -46.98 -7.12
N HIS B 172 5.78 -46.16 -7.51
CA HIS B 172 6.32 -45.13 -6.63
C HIS B 172 6.19 -43.81 -7.37
N VAL B 173 5.80 -42.76 -6.64
CA VAL B 173 5.64 -41.45 -7.26
C VAL B 173 6.29 -40.34 -6.45
N VAL B 174 7.07 -39.52 -7.14
CA VAL B 174 7.77 -38.38 -6.54
C VAL B 174 6.93 -37.12 -6.75
N ASP B 175 6.40 -36.57 -5.66
CA ASP B 175 5.61 -35.34 -5.77
C ASP B 175 6.58 -34.16 -5.80
N VAL B 176 6.94 -33.71 -6.99
CA VAL B 176 7.87 -32.60 -7.13
C VAL B 176 7.21 -31.33 -6.59
N GLY B 177 7.90 -30.66 -5.67
CA GLY B 177 7.36 -29.45 -5.08
C GLY B 177 6.09 -29.83 -4.34
N GLY B 178 6.11 -31.03 -3.76
CA GLY B 178 4.96 -31.54 -3.05
C GLY B 178 4.52 -30.79 -1.80
N GLY B 179 5.16 -29.65 -1.52
CA GLY B 179 4.81 -28.87 -0.34
C GLY B 179 4.78 -29.76 0.89
N SER B 180 3.78 -29.60 1.75
CA SER B 180 3.69 -30.44 2.92
C SER B 180 2.92 -31.73 2.52
N GLY B 181 2.34 -32.46 3.45
CA GLY B 181 1.89 -33.78 3.07
C GLY B 181 0.94 -33.76 1.89
N GLY B 182 -0.05 -32.88 1.89
CA GLY B 182 -0.81 -32.61 0.68
C GLY B 182 -1.43 -33.78 -0.07
N LEU B 183 -1.18 -33.76 -1.39
CA LEU B 183 -1.65 -34.77 -2.33
C LEU B 183 -1.10 -36.18 -2.12
N LEU B 184 0.21 -36.30 -1.85
CA LEU B 184 0.82 -37.60 -1.62
C LEU B 184 0.10 -38.38 -0.53
N SER B 185 -0.24 -37.70 0.55
CA SER B 185 -0.95 -38.33 1.66
C SER B 185 -2.30 -38.88 1.18
N ALA B 186 -2.95 -38.13 0.29
CA ALA B 186 -4.24 -38.54 -0.25
C ALA B 186 -4.05 -39.63 -1.30
N LEU B 187 -2.95 -39.56 -2.04
CA LEU B 187 -2.67 -40.55 -3.05
C LEU B 187 -2.36 -41.89 -2.37
N LEU B 188 -1.48 -41.85 -1.36
CA LEU B 188 -1.11 -43.07 -0.65
C LEU B 188 -2.29 -43.64 0.13
N THR B 189 -3.21 -42.76 0.53
CA THR B 189 -4.38 -43.21 1.27
C THR B 189 -5.37 -43.91 0.33
N ALA B 190 -5.42 -43.45 -0.91
CA ALA B 190 -6.32 -44.02 -1.92
C ALA B 190 -5.74 -45.31 -2.53
N HIS B 191 -4.42 -45.42 -2.50
CA HIS B 191 -3.72 -46.59 -3.05
C HIS B 191 -2.75 -47.10 -1.98
N GLU B 192 -3.27 -47.95 -1.11
CA GLU B 192 -2.52 -48.54 0.00
C GLU B 192 -1.24 -49.31 -0.33
N ASP B 193 -0.95 -49.50 -1.61
CA ASP B 193 0.26 -50.22 -2.01
C ASP B 193 1.25 -49.35 -2.75
N LEU B 194 0.90 -48.08 -2.93
CA LEU B 194 1.78 -47.14 -3.60
C LEU B 194 2.69 -46.52 -2.56
N SER B 195 3.86 -46.08 -2.99
CA SER B 195 4.81 -45.43 -2.10
C SER B 195 5.10 -44.08 -2.75
N GLY B 196 5.54 -43.12 -1.95
CA GLY B 196 5.83 -41.81 -2.48
C GLY B 196 6.91 -41.06 -1.74
N THR B 197 7.36 -39.98 -2.36
CA THR B 197 8.38 -39.14 -1.77
C THR B 197 8.05 -37.69 -2.09
N VAL B 198 8.10 -36.84 -1.07
CA VAL B 198 7.84 -35.43 -1.26
C VAL B 198 9.19 -34.75 -1.44
N LEU B 199 9.35 -34.04 -2.54
CA LEU B 199 10.59 -33.31 -2.78
C LEU B 199 10.20 -31.84 -2.68
N ASP B 200 10.85 -31.11 -1.76
CA ASP B 200 10.53 -29.70 -1.59
C ASP B 200 11.62 -29.01 -0.75
N LEU B 201 11.39 -27.74 -0.42
CA LEU B 201 12.35 -26.99 0.38
C LEU B 201 12.22 -27.37 1.85
N GLN B 202 13.25 -27.01 2.63
CA GLN B 202 13.30 -27.32 4.06
C GLN B 202 12.02 -27.01 4.80
N GLY B 203 11.55 -25.78 4.66
CA GLY B 203 10.34 -25.35 5.32
C GLY B 203 9.18 -26.33 5.16
N PRO B 204 8.65 -26.48 3.94
CA PRO B 204 7.54 -27.39 3.63
C PRO B 204 7.85 -28.85 3.98
N ALA B 205 9.05 -29.30 3.62
CA ALA B 205 9.49 -30.67 3.89
C ALA B 205 9.38 -31.04 5.36
N SER B 206 9.69 -30.11 6.26
CA SER B 206 9.61 -30.41 7.69
C SER B 206 8.18 -30.77 8.02
N ALA B 207 7.27 -29.91 7.57
CA ALA B 207 5.85 -30.08 7.78
C ALA B 207 5.42 -31.41 7.17
N ALA B 208 5.95 -31.71 5.99
CA ALA B 208 5.64 -32.95 5.31
C ALA B 208 6.12 -34.14 6.13
N HIS B 209 7.12 -33.90 6.98
CA HIS B 209 7.66 -34.95 7.82
C HIS B 209 6.70 -35.23 8.95
N ARG B 210 6.28 -34.18 9.64
CA ARG B 210 5.36 -34.34 10.76
C ARG B 210 4.06 -34.98 10.28
N ARG B 211 3.54 -34.54 9.14
CA ARG B 211 2.31 -35.09 8.61
C ARG B 211 2.40 -36.59 8.42
N PHE B 212 3.16 -37.02 7.40
CA PHE B 212 3.31 -38.44 7.12
C PHE B 212 3.55 -39.23 8.40
N LEU B 213 4.16 -38.60 9.40
CA LEU B 213 4.45 -39.26 10.65
C LEU B 213 3.18 -39.51 11.46
N ASP B 214 2.36 -38.50 11.62
CA ASP B 214 1.12 -38.63 12.38
C ASP B 214 0.11 -39.47 11.60
N THR B 215 0.03 -39.21 10.29
CA THR B 215 -0.89 -39.91 9.43
C THR B 215 -0.42 -41.34 9.20
N GLY B 216 0.55 -41.77 10.01
CA GLY B 216 1.09 -43.12 9.91
C GLY B 216 1.42 -43.53 8.48
N LEU B 217 2.22 -42.72 7.78
CA LEU B 217 2.61 -43.03 6.41
C LEU B 217 4.12 -43.16 6.32
N SER B 218 4.76 -43.27 7.48
CA SER B 218 6.22 -43.41 7.55
C SER B 218 6.74 -44.52 6.62
N GLY B 219 6.01 -45.62 6.57
CA GLY B 219 6.42 -46.76 5.76
C GLY B 219 6.42 -46.58 4.25
N ARG B 220 5.46 -45.82 3.74
CA ARG B 220 5.35 -45.62 2.30
C ARG B 220 5.49 -44.17 1.87
N ALA B 221 5.72 -43.28 2.83
CA ALA B 221 5.87 -41.87 2.55
C ALA B 221 7.20 -41.35 3.06
N GLN B 222 7.93 -40.65 2.18
CA GLN B 222 9.23 -40.10 2.54
C GLN B 222 9.40 -38.67 2.05
N VAL B 223 10.36 -37.99 2.64
CA VAL B 223 10.65 -36.60 2.30
C VAL B 223 12.12 -36.38 1.99
N VAL B 224 12.38 -35.67 0.91
CA VAL B 224 13.73 -35.33 0.53
C VAL B 224 13.79 -33.81 0.35
N VAL B 225 14.76 -33.17 0.99
CA VAL B 225 14.92 -31.73 0.88
C VAL B 225 15.87 -31.44 -0.27
N GLY B 226 15.38 -30.70 -1.27
CA GLY B 226 16.20 -30.34 -2.40
C GLY B 226 15.44 -29.45 -3.35
N SER B 227 16.13 -28.94 -4.37
CA SER B 227 15.52 -28.07 -5.37
C SER B 227 15.06 -28.91 -6.57
N PHE B 228 13.92 -28.58 -7.13
CA PHE B 228 13.45 -29.32 -8.29
C PHE B 228 14.07 -28.76 -9.56
N PHE B 229 15.15 -27.99 -9.39
CA PHE B 229 15.86 -27.39 -10.51
C PHE B 229 17.18 -28.10 -10.79
N ASP B 230 17.62 -28.95 -9.87
CA ASP B 230 18.85 -29.69 -10.09
C ASP B 230 18.49 -31.17 -10.20
N PRO B 231 19.49 -32.05 -10.38
CA PRO B 231 19.21 -33.49 -10.49
C PRO B 231 18.22 -33.99 -9.43
N LEU B 232 17.15 -34.63 -9.90
CA LEU B 232 16.08 -35.13 -9.04
C LEU B 232 16.25 -36.60 -8.66
N PRO B 233 15.57 -37.04 -7.60
CA PRO B 233 15.66 -38.45 -7.18
C PRO B 233 14.98 -39.31 -8.24
N ALA B 234 15.79 -39.99 -9.06
CA ALA B 234 15.28 -40.83 -10.13
C ALA B 234 14.65 -42.15 -9.66
N GLY B 235 14.24 -42.96 -10.62
CA GLY B 235 13.64 -44.24 -10.32
C GLY B 235 12.13 -44.24 -10.39
N ALA B 236 11.50 -43.38 -9.61
CA ALA B 236 10.04 -43.26 -9.54
C ALA B 236 9.22 -43.44 -10.82
N GLY B 237 8.20 -44.28 -10.74
CA GLY B 237 7.34 -44.51 -11.87
C GLY B 237 6.62 -43.30 -12.43
N GLY B 238 6.67 -42.21 -11.68
CA GLY B 238 6.03 -40.99 -12.11
C GLY B 238 6.39 -39.81 -11.23
N TYR B 239 6.54 -38.64 -11.85
CA TYR B 239 6.86 -37.42 -11.13
C TYR B 239 5.69 -36.45 -11.28
N VAL B 240 5.03 -36.18 -10.16
CA VAL B 240 3.87 -35.29 -10.12
C VAL B 240 4.17 -33.89 -9.58
N LEU B 241 3.57 -32.89 -10.21
CA LEU B 241 3.73 -31.52 -9.77
C LEU B 241 2.44 -30.74 -10.00
N SER B 242 1.81 -30.35 -8.90
CA SER B 242 0.57 -29.59 -8.97
C SER B 242 0.79 -28.23 -8.32
N ALA B 243 0.08 -27.21 -8.79
CA ALA B 243 0.22 -25.87 -8.24
C ALA B 243 1.68 -25.43 -8.27
N VAL B 244 2.48 -26.07 -9.12
CA VAL B 244 3.90 -25.75 -9.23
C VAL B 244 4.17 -25.14 -10.59
N LEU B 245 3.22 -25.36 -11.49
CA LEU B 245 3.32 -24.89 -12.85
C LEU B 245 3.19 -23.38 -12.97
N HIS B 246 2.05 -22.86 -12.54
CA HIS B 246 1.78 -21.44 -12.62
C HIS B 246 2.76 -20.55 -11.83
N ASP B 247 3.18 -20.99 -10.66
CA ASP B 247 4.10 -20.22 -9.83
C ASP B 247 5.34 -19.79 -10.59
N TRP B 248 5.55 -20.34 -11.79
CA TRP B 248 6.73 -19.98 -12.56
C TRP B 248 6.42 -19.53 -13.98
N ASP B 249 7.44 -19.00 -14.64
CA ASP B 249 7.34 -18.53 -16.01
C ASP B 249 7.57 -19.77 -16.88
N ASP B 250 7.22 -19.68 -18.15
CA ASP B 250 7.40 -20.81 -19.07
C ASP B 250 8.75 -21.49 -18.86
N LEU B 251 9.84 -20.77 -19.16
CA LEU B 251 11.19 -21.32 -19.00
C LEU B 251 11.27 -22.11 -17.69
N SER B 252 11.12 -21.41 -16.56
CA SER B 252 11.18 -22.06 -15.25
C SER B 252 10.53 -23.42 -15.30
N ALA B 253 9.29 -23.46 -15.81
CA ALA B 253 8.54 -24.70 -15.92
C ALA B 253 9.28 -25.74 -16.75
N VAL B 254 9.55 -25.43 -18.01
CA VAL B 254 10.26 -26.36 -18.87
C VAL B 254 11.60 -26.74 -18.24
N ALA B 255 12.20 -25.79 -17.52
CA ALA B 255 13.46 -26.03 -16.84
C ALA B 255 13.22 -27.12 -15.80
N ILE B 256 12.08 -27.02 -15.13
CA ILE B 256 11.70 -27.99 -14.11
C ILE B 256 11.38 -29.31 -14.80
N LEU B 257 10.59 -29.23 -15.87
CA LEU B 257 10.20 -30.41 -16.63
C LEU B 257 11.41 -31.20 -17.09
N ARG B 258 12.44 -30.50 -17.54
CA ARG B 258 13.66 -31.15 -18.00
C ARG B 258 14.17 -32.09 -16.92
N ARG B 259 14.08 -31.64 -15.67
CA ARG B 259 14.51 -32.42 -14.53
C ARG B 259 13.69 -33.69 -14.39
N CYS B 260 12.37 -33.57 -14.53
CA CYS B 260 11.49 -34.72 -14.44
C CYS B 260 11.84 -35.72 -15.54
N ALA B 261 12.03 -35.20 -16.75
CA ALA B 261 12.37 -36.03 -17.91
C ALA B 261 13.62 -36.83 -17.63
N GLU B 262 14.70 -36.13 -17.31
CA GLU B 262 15.97 -36.79 -17.03
C GLU B 262 15.82 -37.84 -15.93
N ALA B 263 14.74 -37.74 -15.17
CA ALA B 263 14.49 -38.69 -14.09
C ALA B 263 13.40 -39.69 -14.49
N ALA B 264 12.60 -39.32 -15.50
CA ALA B 264 11.54 -40.19 -15.98
C ALA B 264 12.06 -41.05 -17.14
N GLY B 265 12.59 -40.39 -18.17
CA GLY B 265 13.13 -41.09 -19.33
C GLY B 265 12.16 -41.99 -20.07
N SER B 266 10.93 -41.53 -20.26
CA SER B 266 9.87 -42.27 -20.94
C SER B 266 9.80 -43.72 -20.45
N GLY B 267 10.32 -43.95 -19.25
CA GLY B 267 10.21 -45.23 -18.58
C GLY B 267 9.20 -44.95 -17.49
N GLY B 268 8.99 -43.66 -17.25
CA GLY B 268 8.07 -43.14 -16.26
C GLY B 268 7.34 -41.95 -16.85
N VAL B 269 6.16 -41.64 -16.33
CA VAL B 269 5.39 -40.52 -16.85
C VAL B 269 5.43 -39.29 -15.95
N VAL B 270 5.83 -38.16 -16.53
CA VAL B 270 5.89 -36.89 -15.80
C VAL B 270 4.51 -36.28 -15.84
N LEU B 271 3.85 -36.20 -14.69
CA LEU B 271 2.51 -35.62 -14.63
C LEU B 271 2.56 -34.13 -14.26
N VAL B 272 1.63 -33.37 -14.83
CA VAL B 272 1.53 -31.93 -14.60
C VAL B 272 0.06 -31.58 -14.34
N ILE B 273 -0.28 -31.44 -13.07
CA ILE B 273 -1.63 -31.11 -12.65
C ILE B 273 -1.79 -29.62 -12.40
N GLU B 274 -3.00 -29.11 -12.57
CA GLU B 274 -3.29 -27.69 -12.36
C GLU B 274 -4.77 -27.51 -12.04
N ALA B 282 -10.38 -18.62 -9.85
CA ALA B 282 -11.31 -18.16 -8.82
C ALA B 282 -10.63 -17.14 -7.91
N GLY B 283 -10.79 -15.86 -8.25
CA GLY B 283 -10.20 -14.79 -7.47
C GLY B 283 -9.37 -13.87 -8.35
N THR B 284 -9.91 -12.69 -8.64
CA THR B 284 -9.23 -11.74 -9.51
C THR B 284 -8.19 -11.11 -8.57
N GLY B 285 -8.58 -10.85 -7.32
CA GLY B 285 -7.65 -10.28 -6.36
C GLY B 285 -6.58 -11.30 -6.02
N MET B 286 -6.99 -12.57 -6.02
CA MET B 286 -6.09 -13.67 -5.72
C MET B 286 -5.18 -13.82 -6.93
N ASP B 287 -5.71 -13.55 -8.11
CA ASP B 287 -4.92 -13.66 -9.31
C ASP B 287 -3.79 -12.62 -9.27
N LEU B 288 -4.11 -11.40 -8.87
CA LEU B 288 -3.10 -10.35 -8.78
C LEU B 288 -2.09 -10.66 -7.68
N ARG B 289 -2.52 -11.39 -6.66
CA ARG B 289 -1.61 -11.74 -5.58
C ARG B 289 -0.61 -12.74 -6.12
N MET B 290 -1.07 -13.67 -6.93
CA MET B 290 -0.18 -14.65 -7.53
C MET B 290 0.83 -13.95 -8.43
N LEU B 291 0.37 -12.96 -9.19
CA LEU B 291 1.28 -12.23 -10.07
C LEU B 291 2.33 -11.49 -9.23
N THR B 292 1.88 -10.90 -8.13
CA THR B 292 2.75 -10.14 -7.25
C THR B 292 3.79 -11.04 -6.57
N TYR B 293 3.33 -12.19 -6.09
CA TYR B 293 4.20 -13.14 -5.42
C TYR B 293 5.18 -13.87 -6.31
N PHE B 294 4.67 -14.41 -7.41
CA PHE B 294 5.50 -15.22 -8.30
C PHE B 294 5.76 -14.75 -9.72
N GLY B 295 4.92 -13.85 -10.23
CA GLY B 295 5.10 -13.39 -11.59
C GLY B 295 4.91 -14.58 -12.51
N GLY B 296 3.95 -15.43 -12.16
CA GLY B 296 3.67 -16.60 -12.97
C GLY B 296 2.34 -16.49 -13.68
N LYS B 297 1.34 -17.24 -13.21
CA LYS B 297 0.01 -17.22 -13.81
C LYS B 297 -0.99 -17.87 -12.85
N ALA B 302 -3.48 -26.72 -23.15
CA ALA B 302 -2.52 -27.81 -23.12
C ALA B 302 -1.28 -27.51 -23.96
N GLU B 303 -1.46 -26.70 -25.00
CA GLU B 303 -0.37 -26.31 -25.89
C GLU B 303 0.78 -25.81 -25.04
N LEU B 304 0.44 -25.53 -23.78
CA LEU B 304 1.40 -25.06 -22.79
C LEU B 304 2.20 -26.30 -22.39
N GLY B 305 1.50 -27.28 -21.84
CA GLY B 305 2.14 -28.52 -21.45
C GLY B 305 2.82 -29.09 -22.68
N GLU B 306 2.34 -28.68 -23.85
CA GLU B 306 2.90 -29.11 -25.12
C GLU B 306 4.19 -28.34 -25.33
N LEU B 307 4.19 -27.08 -24.91
CA LEU B 307 5.39 -26.23 -25.00
C LEU B 307 6.41 -26.92 -24.09
N ALA B 308 5.88 -27.71 -23.17
CA ALA B 308 6.68 -28.48 -22.24
C ALA B 308 7.12 -29.73 -22.99
N ALA B 309 6.20 -30.23 -23.82
CA ALA B 309 6.46 -31.41 -24.64
C ALA B 309 7.50 -31.05 -25.69
N GLN B 310 7.48 -29.79 -26.11
CA GLN B 310 8.41 -29.29 -27.11
C GLN B 310 9.84 -29.42 -26.60
N ALA B 311 10.16 -28.63 -25.57
CA ALA B 311 11.49 -28.64 -24.99
C ALA B 311 11.59 -29.61 -23.82
N GLY B 312 10.85 -30.71 -23.88
CA GLY B 312 10.90 -31.68 -22.81
C GLY B 312 10.02 -32.89 -23.03
N LEU B 313 9.55 -33.47 -21.94
CA LEU B 313 8.67 -34.65 -21.98
C LEU B 313 7.46 -34.35 -22.85
N ALA B 314 7.16 -35.25 -23.78
CA ALA B 314 6.03 -35.09 -24.69
C ALA B 314 4.68 -35.41 -24.06
N VAL B 315 3.69 -34.57 -24.33
CA VAL B 315 2.34 -34.76 -23.81
C VAL B 315 1.79 -36.04 -24.39
N ARG B 316 0.85 -36.66 -23.68
CA ARG B 316 0.25 -37.91 -24.14
C ARG B 316 -1.22 -37.96 -23.80
N ALA B 317 -1.66 -37.08 -22.91
CA ALA B 317 -3.06 -37.04 -22.51
C ALA B 317 -3.38 -35.78 -21.71
N ALA B 318 -4.59 -35.81 -21.17
CA ALA B 318 -5.08 -34.78 -20.29
C ALA B 318 -6.32 -35.44 -19.73
N HIS B 319 -6.60 -35.19 -18.46
CA HIS B 319 -7.83 -35.73 -17.89
C HIS B 319 -8.37 -34.63 -16.99
N PRO B 320 -9.53 -34.08 -17.37
CA PRO B 320 -10.16 -33.00 -16.60
C PRO B 320 -10.97 -33.47 -15.39
N ILE B 321 -10.57 -33.04 -14.20
CA ILE B 321 -11.36 -33.37 -13.02
C ILE B 321 -11.90 -32.07 -12.48
N SER B 322 -13.21 -31.91 -12.48
CA SER B 322 -13.78 -30.68 -11.98
C SER B 322 -13.10 -29.52 -12.69
N TYR B 323 -12.61 -28.59 -11.88
CA TYR B 323 -11.83 -27.44 -12.33
C TYR B 323 -10.40 -27.76 -12.76
N VAL B 324 -9.75 -28.66 -12.02
CA VAL B 324 -8.31 -28.88 -12.14
C VAL B 324 -8.04 -30.12 -12.99
N SER B 325 -7.15 -29.97 -13.98
CA SER B 325 -6.82 -31.09 -14.87
C SER B 325 -5.49 -31.79 -14.57
N ILE B 326 -5.29 -32.93 -15.23
CA ILE B 326 -4.09 -33.73 -15.06
C ILE B 326 -3.46 -34.05 -16.42
N VAL B 327 -2.42 -33.30 -16.76
CA VAL B 327 -1.72 -33.49 -18.03
C VAL B 327 -0.55 -34.45 -17.92
N GLU B 328 -0.76 -35.70 -18.28
CA GLU B 328 0.29 -36.70 -18.21
C GLU B 328 1.20 -36.70 -19.44
N MET B 329 2.49 -36.95 -19.20
CA MET B 329 3.49 -36.98 -20.27
C MET B 329 4.19 -38.33 -20.27
N THR B 330 5.35 -38.37 -20.93
CA THR B 330 6.18 -39.57 -21.01
C THR B 330 7.13 -39.42 -22.21
N SAH C . 0.79 27.92 2.69
CA SAH C . 0.94 26.86 1.67
CB SAH C . 1.56 25.63 2.35
CG SAH C . 2.02 24.60 1.34
SD SAH C . 2.55 23.03 2.12
C SAH C . -0.43 26.51 1.09
O SAH C . -1.43 26.78 1.79
OXT SAH C . -0.47 25.98 -0.04
C5' SAH C . 3.88 23.54 3.30
C4' SAH C . 4.89 24.54 2.74
O4' SAH C . 5.98 24.62 3.69
C3' SAH C . 5.50 24.09 1.41
O3' SAH C . 5.46 25.17 0.47
C2' SAH C . 6.94 23.76 1.78
O2' SAH C . 7.81 24.08 0.69
C1' SAH C . 7.16 24.78 2.89
N9 SAH C . 8.38 24.48 3.68
C8 SAH C . 8.80 23.28 4.09
N7 SAH C . 9.90 23.43 4.82
C5 SAH C . 10.19 24.72 4.88
C6 SAH C . 11.16 25.47 5.53
N6 SAH C . 12.05 24.88 6.34
N1 SAH C . 11.15 26.80 5.41
C2 SAH C . 10.22 27.41 4.70
N3 SAH C . 9.27 26.73 4.07
C4 SAH C . 9.23 25.40 4.15
N SAH D . 0.34 -28.36 -4.92
CA SAH D . 1.77 -28.55 -4.65
CB SAH D . 2.31 -27.37 -3.84
CG SAH D . 2.00 -26.04 -4.53
SD SAH D . 2.78 -24.60 -3.74
C SAH D . 1.99 -29.84 -3.86
O SAH D . 2.01 -30.91 -4.52
OXT SAH D . 2.12 -29.72 -2.63
C5' SAH D . 4.40 -24.62 -4.60
C4' SAH D . 5.38 -25.61 -3.97
O4' SAH D . 6.60 -25.57 -4.71
C3' SAH D . 5.70 -25.17 -2.53
O3' SAH D . 5.74 -26.31 -1.67
C2' SAH D . 7.10 -24.58 -2.69
O2' SAH D . 7.83 -24.73 -1.47
C1' SAH D . 7.65 -25.55 -3.72
N9 SAH D . 8.91 -25.05 -4.31
C8 SAH D . 9.14 -23.81 -4.71
N7 SAH D . 10.37 -23.72 -5.20
C5 SAH D . 10.93 -24.92 -5.12
C6 SAH D . 12.17 -25.44 -5.47
N6 SAH D . 13.09 -24.66 -6.02
N1 SAH D . 12.41 -26.74 -5.25
C2 SAH D . 11.49 -27.52 -4.71
N3 SAH D . 10.30 -27.06 -4.35
C4 SAH D . 10.00 -25.77 -4.55
C1 GOL E . -8.37 -22.57 -1.05
O1 GOL E . -7.77 -22.38 -2.33
C2 GOL E . -8.32 -21.26 -0.26
O2 GOL E . -9.02 -20.25 -0.98
C3 GOL E . -8.96 -21.45 1.12
O3 GOL E . -8.88 -20.23 1.86
#